data_6DVX
#
_entry.id   6DVX
#
_cell.length_a   59.780
_cell.length_b   132.670
_cell.length_c   144.970
_cell.angle_alpha   90.000
_cell.angle_beta   90.000
_cell.angle_gamma   90.000
#
_symmetry.space_group_name_H-M   'P 2 21 21'
#
loop_
_entity.id
_entity.type
_entity.pdbx_description
1 polymer 'Tyrosine phenol-lyase'
2 non-polymer 'POTASSIUM ION'
3 non-polymer '(2E)-2-{[(Z)-{3-hydroxy-2-methyl-5-[(phosphonooxy)methyl]pyridin-4(1H)-ylidene}methyl]imino}-3-phenylpropanoic acid'
4 non-polymer 3,6,9,12,15,18-HEXAOXAICOSANE-1,20-DIOL
5 non-polymer (E)-N-({3-hydroxy-2-methyl-5-[(phosphonooxy)methyl]pyridin-4-yl}methylidene)-L-phenylalanine
6 water water
#
_entity_poly.entity_id   1
_entity_poly.type   'polypeptide(L)'
_entity_poly.pdbx_seq_one_letter_code
;MNYPAEPFRIKSVETVSMIPRDERLKKMQEAGYNTFLLNSKDIYIDLLTDSGTNAMSDKQWAGMMMGDEAYAGSENFYHL
ERTVQELFGFKHIVPTHQGRGAENLLSQLAIKPGQYVAGNMYFTTTRYHQEKNGAVFVDIVRDEAHDAGLNIAFKGDIDL
KKLQKLIDEKGAENIAYICLAVTVNLAGGQPVSMANMRAVRELTAAHGIKVFYDATRCVENAYFIKEQEQGFENKSIAEI
VHEMFSYADGCTMSGKKDCLVNIGGFLCMNDDEMFSSAKELVVVYEGMPSYGGLAGRDMEAMAIGLREAMQYEYIEHRVK
QVRYLGDKLKAAGVPIVEPVGGHAVFLDARRFCEHLTQDEFPAQSLAASIYVETGVRSMERGIISAGRNNVTGEHHRPKL
ETVRLTIPRRVYTYAHMDVVADGIIKLYQHKEDIRGLKFIYEPKQLRAFTARFDYI
;
_entity_poly.pdbx_strand_id   A,B
#
# COMPACT_ATOMS: atom_id res chain seq x y z
N ASN A 2 2.51 -37.17 13.66
CA ASN A 2 3.87 -36.85 14.11
C ASN A 2 4.37 -35.58 13.43
N TYR A 3 5.18 -35.76 12.39
CA TYR A 3 5.74 -34.65 11.62
C TYR A 3 5.61 -35.00 10.15
N PRO A 4 4.46 -34.68 9.54
CA PRO A 4 4.24 -35.09 8.15
C PRO A 4 5.11 -34.32 7.18
N ALA A 5 5.34 -34.95 6.03
CA ALA A 5 6.10 -34.32 4.97
C ALA A 5 5.31 -33.18 4.34
N GLU A 6 6.03 -32.33 3.62
CA GLU A 6 5.42 -31.18 2.96
C GLU A 6 4.30 -31.66 2.04
N PRO A 7 3.08 -31.12 2.17
CA PRO A 7 1.98 -31.56 1.31
C PRO A 7 2.01 -30.87 -0.05
N PHE A 8 3.21 -30.78 -0.63
CA PHE A 8 3.41 -30.10 -1.91
C PHE A 8 4.80 -30.46 -2.40
N ARG A 9 5.05 -30.17 -3.67
CA ARG A 9 6.38 -30.29 -4.25
C ARG A 9 6.99 -28.91 -4.41
N ILE A 10 8.31 -28.88 -4.57
CA ILE A 10 9.01 -27.63 -4.86
C ILE A 10 8.89 -27.36 -6.36
N LYS A 11 8.23 -26.26 -6.71
CA LYS A 11 8.13 -25.88 -8.12
C LYS A 11 9.36 -25.09 -8.56
N SER A 12 9.80 -24.14 -7.74
CA SER A 12 10.98 -23.36 -8.05
C SER A 12 11.70 -23.02 -6.76
N VAL A 13 13.01 -22.82 -6.86
CA VAL A 13 13.84 -22.57 -5.68
C VAL A 13 14.41 -21.17 -5.78
N GLU A 14 14.80 -20.65 -4.62
CA GLU A 14 15.46 -19.35 -4.51
C GLU A 14 16.92 -19.57 -4.15
N THR A 15 17.82 -18.99 -4.93
CA THR A 15 19.24 -19.16 -4.66
C THR A 15 19.63 -18.31 -3.46
N VAL A 16 20.41 -18.92 -2.55
CA VAL A 16 20.85 -18.25 -1.34
C VAL A 16 22.36 -18.35 -1.21
N SER A 17 22.96 -17.34 -0.59
CA SER A 17 24.39 -17.34 -0.33
C SER A 17 24.67 -18.17 0.92
N MET A 18 25.80 -18.87 0.90
CA MET A 18 26.21 -19.73 2.01
C MET A 18 27.64 -19.34 2.42
N ILE A 19 27.78 -18.12 2.94
CA ILE A 19 29.08 -17.62 3.37
C ILE A 19 29.51 -18.35 4.64
N PRO A 20 30.82 -18.55 4.85
CA PRO A 20 31.28 -19.27 6.05
C PRO A 20 31.12 -18.44 7.31
N ARG A 21 31.46 -19.04 8.45
CA ARG A 21 31.27 -18.38 9.73
C ARG A 21 32.09 -17.10 9.83
N ASP A 22 33.36 -17.15 9.41
CA ASP A 22 34.22 -15.97 9.47
C ASP A 22 33.66 -14.83 8.62
N GLU A 23 33.00 -15.16 7.51
CA GLU A 23 32.35 -14.13 6.71
C GLU A 23 31.12 -13.57 7.43
N ARG A 24 30.33 -14.45 8.05
CA ARG A 24 29.13 -14.01 8.75
C ARG A 24 29.46 -13.12 9.93
N LEU A 25 30.57 -13.40 10.62
CA LEU A 25 31.01 -12.54 11.71
C LEU A 25 31.30 -11.13 11.22
N LYS A 26 31.95 -11.01 10.06
CA LYS A 26 32.18 -9.70 9.47
C LYS A 26 30.88 -8.99 9.16
N LYS A 27 29.93 -9.71 8.55
CA LYS A 27 28.64 -9.10 8.23
C LYS A 27 27.91 -8.64 9.48
N MET A 28 27.98 -9.44 10.55
CA MET A 28 27.30 -9.06 11.79
C MET A 28 27.95 -7.83 12.41
N GLN A 29 29.27 -7.71 12.33
CA GLN A 29 29.94 -6.52 12.84
C GLN A 29 29.58 -5.29 12.02
N GLU A 30 29.49 -5.44 10.70
CA GLU A 30 29.07 -4.31 9.86
C GLU A 30 27.64 -3.89 10.14
N ALA A 31 26.80 -4.81 10.60
CA ALA A 31 25.41 -4.52 10.92
C ALA A 31 25.23 -4.03 12.35
N GLY A 32 26.31 -3.69 13.04
CA GLY A 32 26.22 -3.23 14.42
C GLY A 32 25.60 -4.24 15.36
N TYR A 33 25.77 -5.53 15.08
CA TYR A 33 25.21 -6.63 15.89
C TYR A 33 23.69 -6.57 15.99
N ASN A 34 23.04 -5.87 15.06
CA ASN A 34 21.58 -5.80 15.00
C ASN A 34 21.12 -6.59 13.78
N THR A 35 20.37 -7.67 14.01
CA THR A 35 19.88 -8.49 12.91
C THR A 35 18.97 -7.73 11.96
N PHE A 36 18.36 -6.64 12.43
CA PHE A 36 17.51 -5.83 11.55
C PHE A 36 18.29 -5.14 10.45
N LEU A 37 19.60 -4.93 10.64
CA LEU A 37 20.43 -4.23 9.67
C LEU A 37 21.17 -5.18 8.74
N LEU A 38 20.98 -6.49 8.87
CA LEU A 38 21.65 -7.43 7.99
C LEU A 38 21.04 -7.38 6.59
N ASN A 39 21.90 -7.53 5.58
CA ASN A 39 21.44 -7.61 4.20
C ASN A 39 20.86 -9.00 3.93
N SER A 40 19.75 -9.03 3.18
CA SER A 40 19.11 -10.29 2.86
C SER A 40 20.06 -11.23 2.13
N LYS A 41 20.93 -10.69 1.27
CA LYS A 41 21.84 -11.53 0.50
C LYS A 41 22.88 -12.23 1.37
N ASP A 42 23.06 -11.79 2.62
CA ASP A 42 24.05 -12.37 3.51
C ASP A 42 23.45 -13.35 4.50
N ILE A 43 22.21 -13.79 4.29
CA ILE A 43 21.47 -14.59 5.26
C ILE A 43 21.09 -15.91 4.62
N TYR A 44 21.44 -17.01 5.29
CA TYR A 44 21.07 -18.35 4.82
C TYR A 44 19.59 -18.62 5.08
N ILE A 45 19.17 -18.55 6.34
CA ILE A 45 17.80 -18.81 6.74
C ILE A 45 17.26 -17.57 7.43
N ASP A 46 16.26 -16.95 6.83
CA ASP A 46 15.73 -15.67 7.30
C ASP A 46 14.46 -15.92 8.08
N LEU A 47 14.59 -16.02 9.41
CA LEU A 47 13.46 -16.23 10.30
C LEU A 47 13.06 -14.94 11.02
N LEU A 48 13.27 -13.79 10.38
CA LEU A 48 12.93 -12.51 10.99
C LEU A 48 11.42 -12.37 11.18
N THR A 49 10.65 -12.78 10.18
CA THR A 49 9.20 -12.64 10.25
C THR A 49 8.56 -13.64 9.29
N ASP A 50 7.31 -13.98 9.58
CA ASP A 50 6.46 -14.73 8.66
C ASP A 50 5.56 -13.83 7.83
N SER A 51 5.80 -12.52 7.88
CA SER A 51 4.96 -11.55 7.20
C SER A 51 5.51 -11.26 5.81
N GLY A 52 4.74 -11.62 4.78
CA GLY A 52 5.10 -11.32 3.41
C GLY A 52 6.28 -12.08 2.87
N THR A 53 6.80 -13.07 3.61
CA THR A 53 7.94 -13.84 3.18
C THR A 53 7.57 -15.23 2.68
N ASN A 54 6.28 -15.47 2.45
CA ASN A 54 5.80 -16.80 2.10
C ASN A 54 6.13 -17.14 0.65
N ALA A 55 6.14 -18.43 0.35
CA ALA A 55 6.29 -18.94 -1.00
C ALA A 55 4.90 -19.20 -1.57
N MET A 56 4.63 -18.66 -2.75
CA MET A 56 3.34 -18.84 -3.40
C MET A 56 3.33 -20.15 -4.19
N SER A 57 2.13 -20.56 -4.58
CA SER A 57 1.95 -21.78 -5.36
C SER A 57 1.95 -21.49 -6.85
N ASP A 58 1.99 -22.56 -7.64
CA ASP A 58 1.90 -22.42 -9.09
C ASP A 58 0.57 -21.79 -9.50
N LYS A 59 -0.51 -22.12 -8.79
CA LYS A 59 -1.81 -21.53 -9.10
C LYS A 59 -1.83 -20.05 -8.80
N GLN A 60 -1.14 -19.62 -7.73
CA GLN A 60 -1.04 -18.20 -7.43
C GLN A 60 -0.24 -17.47 -8.49
N TRP A 61 0.87 -18.06 -8.95
CA TRP A 61 1.67 -17.42 -9.98
C TRP A 61 0.94 -17.42 -11.32
N ALA A 62 0.03 -18.39 -11.54
CA ALA A 62 -0.82 -18.34 -12.71
C ALA A 62 -1.76 -17.14 -12.65
N GLY A 63 -2.31 -16.87 -11.47
CA GLY A 63 -3.11 -15.66 -11.29
C GLY A 63 -2.30 -14.39 -11.46
N MET A 64 -1.01 -14.45 -11.10
CA MET A 64 -0.14 -13.29 -11.29
C MET A 64 -0.02 -12.91 -12.75
N MET A 65 -0.12 -13.88 -13.66
CA MET A 65 -0.09 -13.61 -15.09
C MET A 65 -1.42 -13.07 -15.61
N MET A 66 -2.49 -13.17 -14.83
N MET A 66 -2.48 -13.16 -14.81
CA MET A 66 -3.82 -12.70 -15.22
CA MET A 66 -3.81 -12.71 -15.20
C MET A 66 -4.23 -11.49 -14.40
C MET A 66 -4.24 -11.49 -14.40
N GLY A 67 -3.30 -10.59 -14.13
CA GLY A 67 -3.60 -9.39 -13.39
C GLY A 67 -4.44 -8.44 -14.22
N ASP A 68 -5.64 -8.12 -13.74
CA ASP A 68 -6.50 -7.11 -14.37
C ASP A 68 -6.22 -5.80 -13.66
N GLU A 69 -5.37 -4.96 -14.27
CA GLU A 69 -4.86 -3.76 -13.63
C GLU A 69 -5.76 -2.56 -13.81
N ALA A 70 -7.05 -2.77 -14.09
CA ALA A 70 -7.98 -1.67 -14.25
C ALA A 70 -8.16 -0.93 -12.93
N TYR A 71 -8.35 0.39 -13.03
CA TYR A 71 -8.50 1.21 -11.83
C TYR A 71 -9.82 0.92 -11.11
N ALA A 72 -10.84 0.51 -11.84
CA ALA A 72 -12.15 0.19 -11.28
C ALA A 72 -12.72 -1.01 -11.99
N GLY A 73 -13.45 -1.84 -11.23
CA GLY A 73 -14.11 -2.99 -11.82
C GLY A 73 -13.19 -4.13 -12.21
N SER A 74 -12.01 -4.22 -11.59
CA SER A 74 -11.09 -5.31 -11.90
C SER A 74 -11.70 -6.67 -11.53
N GLU A 75 -11.51 -7.65 -12.42
CA GLU A 75 -11.96 -9.00 -12.13
C GLU A 75 -11.26 -9.58 -10.91
N ASN A 76 -10.00 -9.18 -10.66
CA ASN A 76 -9.28 -9.68 -9.50
C ASN A 76 -9.95 -9.23 -8.21
N PHE A 77 -10.49 -8.00 -8.19
CA PHE A 77 -11.21 -7.54 -7.01
C PHE A 77 -12.47 -8.36 -6.79
N TYR A 78 -13.21 -8.64 -7.86
CA TYR A 78 -14.43 -9.43 -7.73
C TYR A 78 -14.12 -10.85 -7.27
N HIS A 79 -12.99 -11.41 -7.68
N HIS A 79 -12.98 -11.41 -7.69
CA HIS A 79 -12.59 -12.72 -7.19
CA HIS A 79 -12.58 -12.72 -7.19
C HIS A 79 -12.25 -12.67 -5.71
C HIS A 79 -12.25 -12.66 -5.70
N LEU A 80 -11.47 -11.66 -5.29
CA LEU A 80 -11.11 -11.52 -3.89
C LEU A 80 -12.35 -11.25 -3.04
N GLU A 81 -13.21 -10.34 -3.49
CA GLU A 81 -14.43 -10.03 -2.74
C GLU A 81 -15.30 -11.27 -2.57
N ARG A 82 -15.52 -12.01 -3.66
CA ARG A 82 -16.34 -13.22 -3.59
C ARG A 82 -15.71 -14.26 -2.68
N THR A 83 -14.38 -14.36 -2.69
CA THR A 83 -13.70 -15.36 -1.87
C THR A 83 -13.83 -15.06 -0.39
N VAL A 84 -13.59 -13.81 0.01
CA VAL A 84 -13.66 -13.46 1.42
C VAL A 84 -15.09 -13.56 1.93
N GLN A 85 -16.06 -13.11 1.13
CA GLN A 85 -17.46 -13.26 1.52
C GLN A 85 -17.85 -14.72 1.67
N GLU A 86 -17.27 -15.60 0.86
CA GLU A 86 -17.60 -17.03 0.94
C GLU A 86 -16.95 -17.67 2.16
N LEU A 87 -15.67 -17.39 2.39
CA LEU A 87 -14.92 -18.07 3.44
C LEU A 87 -15.08 -17.41 4.81
N PHE A 88 -15.11 -16.08 4.86
CA PHE A 88 -15.22 -15.39 6.14
C PHE A 88 -16.66 -15.09 6.51
N GLY A 89 -17.55 -14.94 5.52
CA GLY A 89 -18.95 -14.67 5.79
C GLY A 89 -19.32 -13.21 5.94
N PHE A 90 -18.35 -12.30 5.92
CA PHE A 90 -18.64 -10.89 6.09
C PHE A 90 -19.32 -10.33 4.84
N LYS A 91 -20.09 -9.27 5.04
CA LYS A 91 -20.91 -8.71 3.97
C LYS A 91 -20.11 -7.81 3.05
N HIS A 92 -19.18 -7.02 3.60
CA HIS A 92 -18.46 -6.01 2.84
C HIS A 92 -16.96 -6.19 3.04
N ILE A 93 -16.20 -5.98 1.97
N ILE A 93 -16.19 -5.98 1.98
CA ILE A 93 -14.75 -6.11 1.97
CA ILE A 93 -14.74 -6.11 2.04
C ILE A 93 -14.15 -4.83 1.39
C ILE A 93 -14.11 -4.89 1.37
N VAL A 94 -13.04 -4.38 1.96
CA VAL A 94 -12.29 -3.25 1.42
C VAL A 94 -10.82 -3.65 1.37
N PRO A 95 -10.21 -3.78 0.19
CA PRO A 95 -8.81 -4.19 0.15
C PRO A 95 -7.88 -3.08 0.61
N THR A 96 -6.77 -3.49 1.22
CA THR A 96 -5.74 -2.58 1.67
C THR A 96 -4.38 -3.16 1.31
N HIS A 97 -3.35 -2.31 1.32
CA HIS A 97 -2.04 -2.76 0.88
C HIS A 97 -1.41 -3.75 1.87
N GLN A 98 -1.73 -3.61 3.17
CA GLN A 98 -1.40 -4.64 4.14
C GLN A 98 -2.22 -4.38 5.41
N GLY A 99 -1.91 -5.14 6.46
CA GLY A 99 -2.78 -5.15 7.64
C GLY A 99 -2.91 -3.80 8.31
N ARG A 100 -1.79 -3.11 8.52
CA ARG A 100 -1.85 -1.83 9.22
C ARG A 100 -2.58 -0.77 8.41
N GLY A 101 -2.76 -0.97 7.11
CA GLY A 101 -3.64 -0.11 6.35
C GLY A 101 -5.10 -0.30 6.74
N ALA A 102 -5.52 -1.55 6.92
CA ALA A 102 -6.87 -1.81 7.40
C ALA A 102 -7.06 -1.35 8.84
N GLU A 103 -6.01 -1.44 9.66
CA GLU A 103 -6.09 -0.95 11.03
C GLU A 103 -6.26 0.57 11.06
N ASN A 104 -5.55 1.27 10.19
CA ASN A 104 -5.71 2.73 10.08
C ASN A 104 -7.15 3.09 9.77
N LEU A 105 -7.81 2.30 8.91
CA LEU A 105 -9.19 2.58 8.56
C LEU A 105 -10.13 2.32 9.74
N LEU A 106 -10.02 1.13 10.34
CA LEU A 106 -10.94 0.75 11.41
C LEU A 106 -10.83 1.69 12.61
N SER A 107 -9.59 2.07 12.98
CA SER A 107 -9.40 2.93 14.15
C SER A 107 -10.04 4.30 13.96
N GLN A 108 -10.05 4.82 12.73
CA GLN A 108 -10.68 6.11 12.48
C GLN A 108 -12.20 5.99 12.35
N LEU A 109 -12.72 4.79 12.11
CA LEU A 109 -14.16 4.62 11.90
C LEU A 109 -14.91 4.25 13.18
N ALA A 110 -14.26 3.59 14.14
CA ALA A 110 -14.96 3.01 15.27
C ALA A 110 -14.43 3.46 16.63
N ILE A 111 -13.64 4.53 16.68
CA ILE A 111 -13.05 4.99 17.93
C ILE A 111 -13.39 6.46 18.14
N LYS A 112 -14.06 6.75 19.26
CA LYS A 112 -14.25 8.13 19.68
C LYS A 112 -13.11 8.54 20.62
N PRO A 113 -12.63 9.78 20.51
CA PRO A 113 -11.40 10.19 21.21
C PRO A 113 -11.42 10.07 22.73
N GLY A 114 -12.19 9.14 23.30
CA GLY A 114 -12.25 8.98 24.73
C GLY A 114 -12.61 7.58 25.14
N GLN A 115 -12.96 6.74 24.17
CA GLN A 115 -13.43 5.40 24.45
C GLN A 115 -12.26 4.46 24.73
N TYR A 116 -12.59 3.28 25.25
CA TYR A 116 -11.61 2.24 25.56
C TYR A 116 -11.65 1.16 24.50
N VAL A 117 -10.48 0.62 24.19
CA VAL A 117 -10.35 -0.55 23.33
C VAL A 117 -9.68 -1.64 24.14
N ALA A 118 -10.34 -2.79 24.27
CA ALA A 118 -9.85 -3.90 25.05
C ALA A 118 -9.67 -5.13 24.16
N GLY A 119 -8.56 -5.84 24.35
CA GLY A 119 -8.31 -7.02 23.56
C GLY A 119 -7.36 -7.97 24.27
N ASN A 120 -7.27 -9.18 23.71
CA ASN A 120 -6.34 -10.18 24.20
C ASN A 120 -4.92 -9.80 23.80
N MET A 121 -4.25 -9.04 24.68
CA MET A 121 -2.95 -8.42 24.39
C MET A 121 -3.06 -7.50 23.19
N TYR A 122 -1.93 -7.12 22.59
CA TYR A 122 -1.93 -6.10 21.56
C TYR A 122 -0.83 -6.40 20.56
N PHE A 123 -0.83 -5.64 19.47
CA PHE A 123 0.29 -5.58 18.55
C PHE A 123 0.69 -4.12 18.36
N THR A 124 1.94 -3.92 17.93
CA THR A 124 2.51 -2.57 17.85
C THR A 124 1.70 -1.67 16.92
N THR A 125 1.50 -2.11 15.68
CA THR A 125 0.81 -1.27 14.70
C THR A 125 -0.66 -1.10 15.07
N THR A 126 -1.30 -2.16 15.56
CA THR A 126 -2.71 -2.07 15.91
C THR A 126 -2.93 -1.10 17.07
N ARG A 127 -2.12 -1.22 18.11
CA ARG A 127 -2.29 -0.35 19.28
C ARG A 127 -1.95 1.10 18.95
N TYR A 128 -1.02 1.34 18.03
CA TYR A 128 -0.67 2.71 17.66
C TYR A 128 -1.86 3.43 17.04
N HIS A 129 -2.49 2.81 16.05
CA HIS A 129 -3.62 3.45 15.38
C HIS A 129 -4.81 3.62 16.32
N GLN A 130 -4.98 2.70 17.27
CA GLN A 130 -6.01 2.88 18.29
C GLN A 130 -5.71 4.09 19.16
N GLU A 131 -4.47 4.19 19.66
CA GLU A 131 -4.10 5.31 20.51
C GLU A 131 -3.94 6.60 19.70
N LYS A 132 -3.60 6.49 18.42
CA LYS A 132 -3.56 7.66 17.55
C LYS A 132 -4.92 8.33 17.46
N ASN A 133 -5.99 7.52 17.45
CA ASN A 133 -7.34 8.03 17.38
C ASN A 133 -7.97 8.26 18.76
N GLY A 134 -7.15 8.42 19.79
CA GLY A 134 -7.64 8.83 21.09
C GLY A 134 -8.21 7.73 21.96
N ALA A 135 -7.81 6.48 21.75
CA ALA A 135 -8.29 5.37 22.57
C ALA A 135 -7.24 5.00 23.62
N VAL A 136 -7.73 4.36 24.68
CA VAL A 136 -6.87 3.83 25.74
C VAL A 136 -6.98 2.31 25.70
N PHE A 137 -5.84 1.64 25.54
CA PHE A 137 -5.84 0.18 25.44
C PHE A 137 -5.93 -0.46 26.81
N VAL A 138 -6.69 -1.55 26.89
CA VAL A 138 -6.85 -2.34 28.11
C VAL A 138 -6.66 -3.80 27.75
N ASP A 139 -5.72 -4.46 28.42
CA ASP A 139 -5.45 -5.87 28.18
C ASP A 139 -6.41 -6.72 29.01
N ILE A 140 -7.19 -7.56 28.34
CA ILE A 140 -8.15 -8.42 29.02
C ILE A 140 -7.87 -9.90 28.74
N VAL A 141 -6.67 -10.22 28.26
CA VAL A 141 -6.27 -11.62 28.15
C VAL A 141 -6.08 -12.20 29.55
N ARG A 142 -6.25 -13.51 29.67
CA ARG A 142 -6.07 -14.13 30.97
C ARG A 142 -4.59 -14.10 31.36
N ASP A 143 -4.35 -14.06 32.67
CA ASP A 143 -3.00 -13.82 33.18
C ASP A 143 -2.02 -14.92 32.76
N GLU A 144 -2.52 -16.13 32.49
CA GLU A 144 -1.66 -17.23 32.11
C GLU A 144 -0.94 -16.96 30.79
N ALA A 145 -1.45 -16.04 29.97
CA ALA A 145 -0.82 -15.75 28.69
C ALA A 145 0.53 -15.08 28.84
N HIS A 146 0.80 -14.42 29.97
CA HIS A 146 2.06 -13.74 30.20
C HIS A 146 3.10 -14.63 30.86
N ASP A 147 2.81 -15.92 31.03
CA ASP A 147 3.75 -16.87 31.60
C ASP A 147 4.34 -17.68 30.45
N ALA A 148 5.61 -17.43 30.13
CA ALA A 148 6.22 -18.04 28.94
C ALA A 148 6.31 -19.55 29.08
N GLY A 149 6.59 -20.05 30.29
CA GLY A 149 6.77 -21.48 30.47
C GLY A 149 5.52 -22.28 30.75
N LEU A 150 4.40 -21.62 31.00
CA LEU A 150 3.16 -22.33 31.34
C LEU A 150 2.58 -22.94 30.07
N ASN A 151 2.61 -24.27 30.00
CA ASN A 151 2.16 -25.00 28.81
C ASN A 151 0.70 -25.40 29.00
N ILE A 152 -0.22 -24.49 28.66
CA ILE A 152 -1.64 -24.78 28.66
C ILE A 152 -2.20 -24.41 27.29
N ALA A 153 -3.39 -24.93 27.01
CA ALA A 153 -4.01 -24.76 25.70
C ALA A 153 -4.80 -23.46 25.63
N PHE A 154 -4.77 -22.84 24.45
CA PHE A 154 -5.55 -21.64 24.16
C PHE A 154 -5.21 -20.50 25.13
N LYS A 155 -3.92 -20.17 25.21
CA LYS A 155 -3.49 -19.09 26.09
C LYS A 155 -3.97 -17.73 25.62
N GLY A 156 -4.42 -17.61 24.36
CA GLY A 156 -4.91 -16.36 23.85
C GLY A 156 -6.34 -16.02 24.23
N ASP A 157 -7.00 -16.87 25.01
CA ASP A 157 -8.40 -16.63 25.37
C ASP A 157 -8.53 -15.36 26.20
N ILE A 158 -9.64 -14.66 26.00
CA ILE A 158 -9.94 -13.45 26.76
C ILE A 158 -10.54 -13.87 28.10
N ASP A 159 -10.06 -13.24 29.18
CA ASP A 159 -10.63 -13.46 30.51
C ASP A 159 -12.00 -12.80 30.56
N LEU A 160 -13.05 -13.61 30.61
CA LEU A 160 -14.41 -13.08 30.65
C LEU A 160 -14.64 -12.23 31.90
N LYS A 161 -13.99 -12.57 33.01
CA LYS A 161 -14.14 -11.78 34.22
C LYS A 161 -13.52 -10.40 34.06
N LYS A 162 -12.35 -10.32 33.43
CA LYS A 162 -11.73 -9.02 33.15
C LYS A 162 -12.61 -8.19 32.24
N LEU A 163 -13.22 -8.81 31.22
CA LEU A 163 -14.14 -8.08 30.34
C LEU A 163 -15.38 -7.62 31.09
N GLN A 164 -15.93 -8.46 31.96
CA GLN A 164 -17.08 -8.06 32.76
C GLN A 164 -16.71 -6.91 33.69
N LYS A 165 -15.49 -6.92 34.23
CA LYS A 165 -15.05 -5.83 35.09
C LYS A 165 -14.96 -4.51 34.32
N LEU A 166 -14.49 -4.56 33.08
CA LEU A 166 -14.39 -3.34 32.29
C LEU A 166 -15.75 -2.74 31.97
N ILE A 167 -16.71 -3.60 31.58
CA ILE A 167 -18.05 -3.11 31.26
C ILE A 167 -18.73 -2.51 32.49
N ASP A 168 -18.39 -3.01 33.68
CA ASP A 168 -19.01 -2.50 34.89
C ASP A 168 -18.35 -1.20 35.35
N GLU A 169 -17.01 -1.19 35.41
CA GLU A 169 -16.30 -0.03 35.93
C GLU A 169 -16.29 1.15 34.95
N LYS A 170 -16.28 0.87 33.65
CA LYS A 170 -16.21 1.94 32.66
C LYS A 170 -17.49 2.16 31.87
N GLY A 171 -18.41 1.21 31.87
CA GLY A 171 -19.64 1.35 31.10
C GLY A 171 -19.48 0.97 29.65
N ALA A 172 -20.53 0.39 29.07
CA ALA A 172 -20.45 -0.06 27.67
C ALA A 172 -20.39 1.11 26.69
N GLU A 173 -20.93 2.27 27.05
CA GLU A 173 -20.88 3.42 26.16
C GLU A 173 -19.47 3.95 25.97
N ASN A 174 -18.56 3.69 26.89
CA ASN A 174 -17.19 4.17 26.79
C ASN A 174 -16.24 3.12 26.23
N ILE A 175 -16.76 2.01 25.74
CA ILE A 175 -15.95 0.96 25.12
C ILE A 175 -16.17 1.04 23.61
N ALA A 176 -15.11 1.38 22.88
CA ALA A 176 -15.20 1.46 21.43
C ALA A 176 -15.54 0.10 20.83
N TYR A 177 -14.67 -0.88 21.03
CA TYR A 177 -14.91 -2.23 20.55
C TYR A 177 -13.92 -3.17 21.24
N ILE A 178 -14.18 -4.46 21.12
CA ILE A 178 -13.27 -5.50 21.60
C ILE A 178 -12.41 -5.95 20.42
N CYS A 179 -11.09 -5.93 20.60
CA CYS A 179 -10.14 -6.29 19.55
C CYS A 179 -9.61 -7.68 19.85
N LEU A 180 -10.24 -8.70 19.26
CA LEU A 180 -9.86 -10.09 19.47
C LEU A 180 -8.88 -10.52 18.38
N ALA A 181 -7.68 -10.89 18.79
CA ALA A 181 -6.62 -11.27 17.85
C ALA A 181 -6.51 -12.80 17.80
N VAL A 182 -6.46 -13.34 16.58
CA VAL A 182 -6.26 -14.76 16.34
C VAL A 182 -5.20 -14.91 15.25
N THR A 183 -4.05 -15.48 15.60
CA THR A 183 -3.72 -15.84 16.98
C THR A 183 -3.15 -14.63 17.72
N VAL A 184 -2.65 -14.84 18.93
CA VAL A 184 -2.07 -13.78 19.74
C VAL A 184 -0.56 -13.82 19.50
N ASN A 185 -0.07 -12.88 18.70
CA ASN A 185 1.33 -12.90 18.29
C ASN A 185 2.27 -12.63 19.45
N LEU A 186 1.90 -11.72 20.35
CA LEU A 186 2.80 -11.32 21.42
C LEU A 186 2.93 -12.39 22.50
N ALA A 187 1.91 -13.23 22.67
CA ALA A 187 1.97 -14.32 23.63
C ALA A 187 2.68 -15.55 23.09
N GLY A 188 3.24 -15.47 21.88
CA GLY A 188 3.91 -16.60 21.27
C GLY A 188 3.13 -17.29 20.18
N GLY A 189 2.14 -16.64 19.59
CA GLY A 189 1.31 -17.27 18.58
C GLY A 189 0.29 -18.24 19.16
N GLN A 190 -0.30 -17.91 20.30
CA GLN A 190 -1.22 -18.78 21.02
C GLN A 190 -2.64 -18.63 20.49
N PRO A 191 -3.38 -19.73 20.40
CA PRO A 191 -4.70 -19.69 19.77
C PRO A 191 -5.78 -19.26 20.76
N VAL A 192 -6.95 -18.92 20.19
CA VAL A 192 -8.14 -18.59 20.95
C VAL A 192 -9.18 -19.66 20.64
N SER A 193 -9.85 -20.15 21.68
CA SER A 193 -10.82 -21.22 21.50
C SER A 193 -12.14 -20.66 20.95
N MET A 194 -12.90 -21.54 20.29
CA MET A 194 -14.20 -21.15 19.76
C MET A 194 -15.16 -20.82 20.89
N ALA A 195 -15.11 -21.57 22.00
CA ALA A 195 -15.95 -21.27 23.14
C ALA A 195 -15.67 -19.88 23.69
N ASN A 196 -14.41 -19.44 23.64
CA ASN A 196 -14.07 -18.10 24.11
C ASN A 196 -14.67 -17.04 23.18
N MET A 197 -14.53 -17.24 21.87
CA MET A 197 -15.11 -16.30 20.92
C MET A 197 -16.62 -16.25 21.04
N ARG A 198 -17.23 -17.40 21.32
CA ARG A 198 -18.68 -17.44 21.50
C ARG A 198 -19.09 -16.75 22.79
N ALA A 199 -18.34 -16.97 23.87
CA ALA A 199 -18.66 -16.34 25.14
C ALA A 199 -18.43 -14.84 25.10
N VAL A 200 -17.36 -14.40 24.44
CA VAL A 200 -17.10 -12.96 24.29
C VAL A 200 -18.24 -12.30 23.52
N ARG A 201 -18.69 -12.95 22.45
CA ARG A 201 -19.80 -12.39 21.66
C ARG A 201 -21.07 -12.31 22.48
N GLU A 202 -21.31 -13.30 23.35
CA GLU A 202 -22.50 -13.29 24.19
C GLU A 202 -22.50 -12.10 25.14
N LEU A 203 -21.35 -11.80 25.74
CA LEU A 203 -21.29 -10.73 26.73
C LEU A 203 -21.33 -9.36 26.06
N THR A 204 -20.64 -9.20 24.93
CA THR A 204 -20.60 -7.89 24.27
C THR A 204 -21.95 -7.56 23.62
N ALA A 205 -22.63 -8.55 23.05
CA ALA A 205 -23.91 -8.28 22.41
C ALA A 205 -24.97 -7.86 23.43
N ALA A 206 -24.85 -8.31 24.68
CA ALA A 206 -25.79 -7.91 25.71
C ALA A 206 -25.64 -6.44 26.09
N HIS A 207 -24.48 -5.83 25.82
CA HIS A 207 -24.23 -4.44 26.13
C HIS A 207 -24.03 -3.58 24.89
N GLY A 208 -24.33 -4.11 23.70
CA GLY A 208 -24.19 -3.35 22.49
C GLY A 208 -22.77 -3.01 22.10
N ILE A 209 -21.80 -3.79 22.55
CA ILE A 209 -20.40 -3.55 22.24
C ILE A 209 -20.01 -4.32 20.98
N LYS A 210 -19.22 -3.67 20.13
CA LYS A 210 -18.79 -4.30 18.89
C LYS A 210 -17.56 -5.16 19.13
N VAL A 211 -17.39 -6.16 18.28
CA VAL A 211 -16.24 -7.06 18.33
C VAL A 211 -15.61 -7.09 16.95
N PHE A 212 -14.32 -6.76 16.86
CA PHE A 212 -13.57 -6.77 15.61
C PHE A 212 -12.35 -7.66 15.79
N TYR A 213 -12.13 -8.56 14.83
CA TYR A 213 -11.05 -9.53 14.93
C TYR A 213 -9.78 -9.01 14.25
N ASP A 214 -8.64 -9.30 14.86
CA ASP A 214 -7.33 -9.17 14.21
C ASP A 214 -7.00 -10.56 13.71
N ALA A 215 -7.32 -10.83 12.44
CA ALA A 215 -7.40 -12.18 11.92
C ALA A 215 -6.20 -12.58 11.07
N THR A 216 -5.05 -11.93 11.27
CA THR A 216 -3.90 -12.15 10.38
C THR A 216 -3.49 -13.62 10.36
N ARG A 217 -3.55 -14.29 11.49
CA ARG A 217 -3.19 -15.71 11.58
C ARG A 217 -4.38 -16.56 11.99
N CYS A 218 -5.56 -16.24 11.43
CA CYS A 218 -6.79 -16.95 11.78
C CYS A 218 -6.78 -18.40 11.34
N VAL A 219 -6.11 -18.72 10.23
CA VAL A 219 -6.09 -20.10 9.76
C VAL A 219 -5.31 -20.99 10.71
N GLU A 220 -4.16 -20.50 11.19
CA GLU A 220 -3.42 -21.24 12.22
C GLU A 220 -4.26 -21.42 13.47
N ASN A 221 -5.03 -20.39 13.83
CA ASN A 221 -5.94 -20.50 14.96
C ASN A 221 -6.99 -21.58 14.71
N ALA A 222 -7.51 -21.66 13.49
CA ALA A 222 -8.53 -22.65 13.17
C ALA A 222 -8.01 -24.07 13.31
N TYR A 223 -6.73 -24.30 12.98
CA TYR A 223 -6.18 -25.65 13.12
C TYR A 223 -6.11 -26.07 14.58
N PHE A 224 -5.71 -25.15 15.47
CA PHE A 224 -5.65 -25.49 16.90
C PHE A 224 -7.03 -25.87 17.43
N ILE A 225 -8.09 -25.22 16.91
CA ILE A 225 -9.44 -25.59 17.32
C ILE A 225 -9.76 -27.01 16.87
N LYS A 226 -9.43 -27.33 15.62
CA LYS A 226 -9.68 -28.68 15.10
C LYS A 226 -8.86 -29.73 15.84
N GLU A 227 -7.67 -29.37 16.30
CA GLU A 227 -6.76 -30.32 16.91
C GLU A 227 -7.03 -30.52 18.40
N GLN A 228 -7.35 -29.46 19.14
CA GLN A 228 -7.36 -29.50 20.59
C GLN A 228 -8.71 -29.22 21.24
N GLU A 229 -9.64 -28.56 20.55
CA GLU A 229 -10.95 -28.28 21.12
C GLU A 229 -11.91 -29.39 20.73
N GLN A 230 -12.52 -30.03 21.72
CA GLN A 230 -13.39 -31.17 21.46
C GLN A 230 -14.65 -30.73 20.72
N GLY A 231 -15.11 -31.57 19.79
CA GLY A 231 -16.29 -31.30 19.01
C GLY A 231 -16.02 -30.75 17.63
N PHE A 232 -14.78 -30.33 17.36
CA PHE A 232 -14.41 -29.75 16.08
C PHE A 232 -13.51 -30.68 15.26
N GLU A 233 -13.36 -31.94 15.67
CA GLU A 233 -12.51 -32.87 14.93
C GLU A 233 -13.13 -33.28 13.61
N ASN A 234 -14.46 -33.25 13.52
CA ASN A 234 -15.16 -33.60 12.29
C ASN A 234 -15.41 -32.40 11.39
N LYS A 235 -14.93 -31.22 11.77
CA LYS A 235 -15.18 -30.00 11.01
C LYS A 235 -13.95 -29.62 10.22
N SER A 236 -14.15 -29.16 8.99
CA SER A 236 -13.04 -28.74 8.15
C SER A 236 -12.51 -27.39 8.63
N ILE A 237 -11.33 -27.02 8.13
CA ILE A 237 -10.75 -25.73 8.46
C ILE A 237 -11.68 -24.60 8.01
N ALA A 238 -12.24 -24.72 6.82
CA ALA A 238 -13.13 -23.68 6.30
C ALA A 238 -14.36 -23.52 7.18
N GLU A 239 -14.95 -24.63 7.62
CA GLU A 239 -16.11 -24.55 8.51
C GLU A 239 -15.76 -23.87 9.82
N ILE A 240 -14.55 -24.11 10.33
CA ILE A 240 -14.13 -23.49 11.59
C ILE A 240 -13.87 -22.00 11.38
N VAL A 241 -13.19 -21.65 10.27
CA VAL A 241 -12.93 -20.24 9.97
C VAL A 241 -14.25 -19.48 9.84
N HIS A 242 -15.22 -20.06 9.13
CA HIS A 242 -16.51 -19.39 8.95
C HIS A 242 -17.24 -19.21 10.28
N GLU A 243 -17.15 -20.20 11.17
CA GLU A 243 -17.82 -20.07 12.46
C GLU A 243 -17.12 -19.04 13.35
N MET A 244 -15.79 -18.97 13.26
CA MET A 244 -15.05 -17.98 14.05
C MET A 244 -15.55 -16.56 13.77
N PHE A 245 -15.64 -16.19 12.50
CA PHE A 245 -16.03 -14.84 12.13
C PHE A 245 -17.52 -14.57 12.29
N SER A 246 -18.34 -15.59 12.52
CA SER A 246 -19.75 -15.36 12.81
C SER A 246 -19.96 -14.71 14.18
N TYR A 247 -18.93 -14.67 15.02
CA TYR A 247 -18.99 -14.01 16.32
C TYR A 247 -18.32 -12.64 16.31
N ALA A 248 -18.11 -12.06 15.13
CA ALA A 248 -17.47 -10.76 15.01
C ALA A 248 -18.28 -9.86 14.10
N ASP A 249 -18.14 -8.55 14.30
CA ASP A 249 -18.77 -7.56 13.45
C ASP A 249 -17.87 -7.14 12.29
N GLY A 250 -16.61 -7.54 12.30
CA GLY A 250 -15.69 -7.21 11.23
C GLY A 250 -14.32 -7.72 11.58
N CYS A 251 -13.36 -7.43 10.70
CA CYS A 251 -11.99 -7.88 10.94
C CYS A 251 -11.03 -7.05 10.11
N THR A 252 -9.79 -6.99 10.60
CA THR A 252 -8.65 -6.50 9.83
C THR A 252 -7.73 -7.67 9.54
N MET A 253 -7.32 -7.81 8.29
CA MET A 253 -6.55 -8.96 7.85
C MET A 253 -5.27 -8.49 7.17
N SER A 254 -4.15 -9.10 7.56
CA SER A 254 -2.89 -8.95 6.83
C SER A 254 -2.71 -10.21 5.99
N GLY A 255 -2.98 -10.09 4.69
CA GLY A 255 -2.80 -11.22 3.79
C GLY A 255 -1.38 -11.75 3.79
N LYS A 256 -0.41 -10.90 4.10
CA LYS A 256 0.99 -11.29 4.18
C LYS A 256 1.24 -12.46 5.13
N LYS A 257 0.25 -12.85 5.93
CA LYS A 257 0.39 -13.99 6.82
C LYS A 257 -0.32 -15.20 6.24
N ASP A 258 -1.54 -15.47 6.70
CA ASP A 258 -2.22 -16.72 6.36
C ASP A 258 -2.91 -16.69 5.00
N CYS A 259 -2.77 -15.63 4.21
CA CYS A 259 -3.23 -15.65 2.83
C CYS A 259 -2.14 -16.08 1.86
N LEU A 260 -0.94 -16.40 2.38
CA LEU A 260 0.13 -17.02 1.59
C LEU A 260 0.59 -16.12 0.44
N VAL A 261 0.69 -14.81 0.72
CA VAL A 261 1.14 -13.85 -0.27
C VAL A 261 2.26 -13.01 0.32
N ASN A 262 2.88 -12.20 -0.54
CA ASN A 262 3.98 -11.32 -0.15
C ASN A 262 3.54 -9.89 0.09
N ILE A 263 2.28 -9.56 -0.21
CA ILE A 263 1.74 -8.23 0.02
C ILE A 263 0.23 -8.34 0.00
N GLY A 264 -0.44 -7.45 0.73
CA GLY A 264 -1.89 -7.44 0.69
C GLY A 264 -2.57 -7.55 2.03
N GLY A 265 -3.78 -7.00 2.09
CA GLY A 265 -4.63 -7.09 3.26
C GLY A 265 -6.02 -6.61 2.87
N PHE A 266 -6.93 -6.65 3.85
CA PHE A 266 -8.27 -6.13 3.61
C PHE A 266 -8.96 -5.88 4.95
N LEU A 267 -10.07 -5.16 4.86
CA LEU A 267 -10.92 -4.83 6.01
C LEU A 267 -12.33 -5.34 5.73
N CYS A 268 -12.89 -6.06 6.69
CA CYS A 268 -14.21 -6.64 6.54
C CYS A 268 -15.15 -6.07 7.60
N MET A 269 -16.45 -6.11 7.28
CA MET A 269 -17.48 -5.62 8.16
C MET A 269 -18.84 -6.01 7.59
N ASN A 270 -19.85 -6.02 8.45
CA ASN A 270 -21.22 -6.30 8.05
C ASN A 270 -22.10 -5.07 7.99
N ASP A 271 -21.70 -3.98 8.66
CA ASP A 271 -22.53 -2.78 8.74
C ASP A 271 -22.43 -1.99 7.43
N ASP A 272 -23.58 -1.65 6.86
CA ASP A 272 -23.60 -0.92 5.60
C ASP A 272 -23.08 0.50 5.77
N GLU A 273 -23.46 1.18 6.86
CA GLU A 273 -23.07 2.56 7.04
C GLU A 273 -21.56 2.69 7.26
N MET A 274 -20.97 1.80 8.06
CA MET A 274 -19.53 1.84 8.25
C MET A 274 -18.79 1.49 6.96
N PHE A 275 -19.36 0.63 6.13
CA PHE A 275 -18.75 0.32 4.84
C PHE A 275 -18.72 1.54 3.93
N SER A 276 -19.79 2.35 3.98
CA SER A 276 -19.79 3.59 3.20
C SER A 276 -18.69 4.53 3.64
N SER A 277 -18.50 4.68 4.95
CA SER A 277 -17.41 5.53 5.45
C SER A 277 -16.05 4.94 5.17
N ALA A 278 -15.95 3.60 5.14
CA ALA A 278 -14.68 2.96 4.81
C ALA A 278 -14.28 3.24 3.36
N LYS A 279 -15.24 3.21 2.44
CA LYS A 279 -14.94 3.49 1.05
C LYS A 279 -14.51 4.95 0.86
N GLU A 280 -15.04 5.86 1.67
CA GLU A 280 -14.63 7.26 1.57
C GLU A 280 -13.23 7.47 2.13
N LEU A 281 -12.86 6.71 3.15
CA LEU A 281 -11.58 6.89 3.82
C LEU A 281 -10.45 6.13 3.13
N VAL A 282 -10.75 5.00 2.48
CA VAL A 282 -9.72 4.23 1.80
C VAL A 282 -9.14 5.01 0.61
N VAL A 283 -9.88 5.95 0.05
CA VAL A 283 -9.43 6.68 -1.13
C VAL A 283 -8.22 7.55 -0.81
N VAL A 284 -8.23 8.21 0.35
CA VAL A 284 -7.15 9.15 0.66
C VAL A 284 -5.91 8.46 1.21
N TYR A 285 -6.01 7.21 1.69
CA TYR A 285 -4.87 6.51 2.27
C TYR A 285 -4.36 5.39 1.40
N GLU A 286 -5.24 4.50 0.92
CA GLU A 286 -4.84 3.32 0.16
C GLU A 286 -5.08 3.47 -1.35
N GLY A 287 -6.29 3.83 -1.73
CA GLY A 287 -6.67 3.94 -3.12
C GLY A 287 -8.15 3.69 -3.28
N MET A 288 -8.55 3.41 -4.51
CA MET A 288 -9.96 3.14 -4.78
C MET A 288 -10.41 1.90 -4.02
N PRO A 289 -11.70 1.84 -3.65
CA PRO A 289 -12.23 0.62 -3.02
C PRO A 289 -12.16 -0.61 -3.91
N SER A 290 -11.83 -0.45 -5.19
N SER A 290 -11.84 -0.45 -5.19
CA SER A 290 -11.75 -1.56 -6.13
CA SER A 290 -11.76 -1.57 -6.12
C SER A 290 -10.36 -2.14 -6.27
C SER A 290 -10.36 -2.17 -6.23
N TYR A 291 -9.36 -1.58 -5.58
CA TYR A 291 -8.03 -2.16 -5.58
C TYR A 291 -7.30 -1.88 -4.27
N GLY A 292 -7.62 -0.75 -3.64
CA GLY A 292 -7.12 -0.42 -2.31
C GLY A 292 -5.61 -0.50 -2.13
N GLY A 293 -4.85 0.12 -3.02
CA GLY A 293 -3.41 0.12 -2.88
C GLY A 293 -2.71 -1.15 -3.33
N LEU A 294 -3.41 -2.06 -4.00
CA LEU A 294 -2.83 -3.31 -4.47
C LEU A 294 -2.94 -3.38 -5.98
N ALA A 295 -1.92 -3.97 -6.61
CA ALA A 295 -2.04 -4.34 -8.00
C ALA A 295 -3.10 -5.42 -8.17
N GLY A 296 -3.71 -5.47 -9.35
CA GLY A 296 -4.73 -6.48 -9.60
C GLY A 296 -4.21 -7.89 -9.40
N ARG A 297 -2.98 -8.15 -9.87
CA ARG A 297 -2.40 -9.48 -9.71
C ARG A 297 -2.24 -9.87 -8.25
N ASP A 298 -2.03 -8.88 -7.37
CA ASP A 298 -1.86 -9.18 -5.95
C ASP A 298 -3.19 -9.50 -5.28
N MET A 299 -4.28 -8.86 -5.71
CA MET A 299 -5.60 -9.26 -5.23
C MET A 299 -5.92 -10.68 -5.68
N GLU A 300 -5.52 -11.03 -6.90
CA GLU A 300 -5.76 -12.39 -7.40
C GLU A 300 -4.95 -13.41 -6.60
N ALA A 301 -3.67 -13.13 -6.37
CA ALA A 301 -2.84 -14.04 -5.60
C ALA A 301 -3.38 -14.22 -4.19
N MET A 302 -3.90 -13.14 -3.59
CA MET A 302 -4.44 -13.24 -2.24
C MET A 302 -5.74 -14.03 -2.21
N ALA A 303 -6.59 -13.86 -3.24
CA ALA A 303 -7.82 -14.64 -3.29
C ALA A 303 -7.53 -16.13 -3.43
N ILE A 304 -6.52 -16.48 -4.22
CA ILE A 304 -6.16 -17.88 -4.40
C ILE A 304 -5.47 -18.42 -3.15
N GLY A 305 -4.58 -17.62 -2.56
CA GLY A 305 -3.86 -18.08 -1.39
C GLY A 305 -4.76 -18.34 -0.19
N LEU A 306 -5.77 -17.49 -0.01
CA LEU A 306 -6.70 -17.69 1.10
C LEU A 306 -7.47 -19.00 0.96
N ARG A 307 -7.83 -19.36 -0.27
CA ARG A 307 -8.51 -20.63 -0.49
C ARG A 307 -7.55 -21.81 -0.31
N GLU A 308 -6.28 -21.62 -0.63
CA GLU A 308 -5.29 -22.69 -0.41
C GLU A 308 -5.04 -22.92 1.07
N ALA A 309 -5.14 -21.86 1.89
CA ALA A 309 -4.91 -21.99 3.31
C ALA A 309 -5.94 -22.89 3.99
N MET A 310 -7.12 -23.06 3.40
CA MET A 310 -8.15 -23.90 3.99
C MET A 310 -7.86 -25.38 3.86
N GLN A 311 -6.84 -25.78 3.09
CA GLN A 311 -6.49 -27.18 2.98
C GLN A 311 -5.90 -27.69 4.29
N TYR A 312 -6.49 -28.75 4.83
CA TYR A 312 -6.06 -29.27 6.13
C TYR A 312 -4.60 -29.68 6.12
N GLU A 313 -4.17 -30.39 5.07
CA GLU A 313 -2.79 -30.89 5.04
C GLU A 313 -1.78 -29.76 5.00
N TYR A 314 -2.10 -28.64 4.35
CA TYR A 314 -1.19 -27.50 4.35
C TYR A 314 -1.01 -26.95 5.76
N ILE A 315 -2.13 -26.64 6.43
CA ILE A 315 -2.04 -25.94 7.71
C ILE A 315 -1.56 -26.88 8.81
N GLU A 316 -1.84 -28.18 8.67
CA GLU A 316 -1.29 -29.16 9.61
C GLU A 316 0.24 -29.18 9.52
N HIS A 317 0.76 -29.26 8.29
CA HIS A 317 2.21 -29.25 8.12
C HIS A 317 2.83 -27.92 8.55
N ARG A 318 2.15 -26.81 8.26
CA ARG A 318 2.66 -25.51 8.66
C ARG A 318 2.86 -25.44 10.18
N VAL A 319 1.85 -25.83 10.95
CA VAL A 319 1.96 -25.76 12.40
C VAL A 319 2.96 -26.79 12.91
N LYS A 320 2.91 -28.02 12.38
CA LYS A 320 3.75 -29.08 12.90
C LYS A 320 5.21 -28.92 12.50
N GLN A 321 5.51 -28.17 11.44
CA GLN A 321 6.90 -27.84 11.16
C GLN A 321 7.47 -26.90 12.22
N VAL A 322 6.69 -25.90 12.61
CA VAL A 322 7.10 -25.02 13.71
C VAL A 322 7.24 -25.80 15.00
N ARG A 323 6.28 -26.70 15.26
CA ARG A 323 6.32 -27.52 16.47
C ARG A 323 7.54 -28.43 16.47
N TYR A 324 7.94 -28.94 15.30
CA TYR A 324 9.13 -29.77 15.22
C TYR A 324 10.37 -29.02 15.70
N LEU A 325 10.51 -27.76 15.28
CA LEU A 325 11.63 -26.95 15.74
C LEU A 325 11.59 -26.77 17.25
N GLY A 326 10.41 -26.45 17.79
CA GLY A 326 10.29 -26.26 19.23
C GLY A 326 10.52 -27.54 20.02
N ASP A 327 10.04 -28.67 19.50
CA ASP A 327 10.22 -29.93 20.20
C ASP A 327 11.68 -30.36 20.21
N LYS A 328 12.40 -30.10 19.13
CA LYS A 328 13.82 -30.46 19.08
C LYS A 328 14.64 -29.58 20.03
N LEU A 329 14.27 -28.30 20.15
CA LEU A 329 14.94 -27.43 21.11
C LEU A 329 14.56 -27.79 22.54
N LYS A 330 13.28 -28.07 22.78
CA LYS A 330 12.84 -28.40 24.13
C LYS A 330 13.45 -29.71 24.62
N ALA A 331 13.64 -30.68 23.71
CA ALA A 331 14.23 -31.95 24.10
C ALA A 331 15.70 -31.83 24.43
N ALA A 332 16.38 -30.81 23.94
CA ALA A 332 17.78 -30.58 24.24
C ALA A 332 17.99 -29.70 25.46
N GLY A 333 16.92 -29.24 26.09
CA GLY A 333 17.02 -28.37 27.25
C GLY A 333 17.01 -26.89 26.94
N VAL A 334 16.80 -26.50 25.69
CA VAL A 334 16.76 -25.08 25.35
C VAL A 334 15.47 -24.47 25.86
N PRO A 335 15.51 -23.37 26.61
CA PRO A 335 14.29 -22.77 27.16
C PRO A 335 13.52 -22.02 26.07
N ILE A 336 12.25 -22.38 25.88
CA ILE A 336 11.40 -21.76 24.89
C ILE A 336 10.06 -21.40 25.52
N VAL A 337 9.34 -20.50 24.84
CA VAL A 337 7.96 -20.20 25.23
C VAL A 337 7.07 -21.38 24.87
N GLU A 338 6.20 -21.77 25.80
CA GLU A 338 5.37 -22.94 25.60
C GLU A 338 3.90 -22.58 25.82
N PRO A 339 2.98 -23.24 25.11
CA PRO A 339 3.29 -24.20 24.03
C PRO A 339 3.75 -23.48 22.76
N VAL A 340 4.34 -24.24 21.84
CA VAL A 340 4.81 -23.63 20.59
C VAL A 340 3.63 -23.07 19.83
N GLY A 341 3.75 -21.82 19.38
CA GLY A 341 2.69 -21.18 18.64
C GLY A 341 2.60 -21.68 17.21
N GLY A 342 1.66 -21.09 16.48
CA GLY A 342 1.40 -21.53 15.12
C GLY A 342 2.38 -21.03 14.09
N HIS A 343 3.13 -19.96 14.38
CA HIS A 343 3.95 -19.33 13.37
C HIS A 343 5.41 -19.14 13.76
N ALA A 344 5.77 -19.36 15.02
CA ALA A 344 7.14 -19.07 15.45
C ALA A 344 7.46 -19.86 16.70
N VAL A 345 8.76 -19.96 16.98
CA VAL A 345 9.28 -20.48 18.24
C VAL A 345 10.03 -19.34 18.91
N PHE A 346 9.72 -19.10 20.18
CA PHE A 346 10.31 -18.00 20.94
C PHE A 346 11.30 -18.58 21.93
N LEU A 347 12.58 -18.25 21.74
CA LEU A 347 13.59 -18.63 22.72
C LEU A 347 13.51 -17.68 23.91
N ASP A 348 13.40 -18.25 25.10
CA ASP A 348 13.34 -17.44 26.33
C ASP A 348 14.77 -17.02 26.67
N ALA A 349 15.15 -15.83 26.20
CA ALA A 349 16.49 -15.32 26.43
C ALA A 349 16.74 -14.98 27.90
N ARG A 350 15.68 -14.80 28.68
CA ARG A 350 15.83 -14.58 30.11
C ARG A 350 16.47 -15.80 30.78
N ARG A 351 15.97 -17.00 30.46
CA ARG A 351 16.57 -18.23 30.95
C ARG A 351 17.80 -18.60 30.12
N PHE A 352 17.78 -18.33 28.81
CA PHE A 352 18.93 -18.63 27.97
C PHE A 352 20.16 -17.86 28.42
N CYS A 353 19.98 -16.59 28.77
CA CYS A 353 21.10 -15.76 29.21
C CYS A 353 20.86 -15.24 30.62
N GLU A 354 20.76 -16.18 31.58
CA GLU A 354 20.56 -15.78 32.97
C GLU A 354 21.79 -15.09 33.55
N HIS A 355 22.98 -15.41 33.02
CA HIS A 355 24.22 -14.80 33.48
C HIS A 355 24.36 -13.35 33.02
N LEU A 356 23.45 -12.84 32.21
CA LEU A 356 23.47 -11.46 31.76
C LEU A 356 22.25 -10.72 32.32
N THR A 357 22.44 -9.45 32.65
CA THR A 357 21.32 -8.65 33.11
C THR A 357 20.49 -8.15 31.94
N GLN A 358 19.31 -7.63 32.26
CA GLN A 358 18.41 -7.17 31.20
C GLN A 358 18.92 -5.85 30.59
N ASP A 359 19.69 -5.08 31.35
CA ASP A 359 20.36 -3.90 30.81
C ASP A 359 21.44 -4.25 29.80
N GLU A 360 21.81 -5.52 29.68
CA GLU A 360 22.84 -5.96 28.76
C GLU A 360 22.27 -6.54 27.47
N PHE A 361 20.97 -6.38 27.24
CA PHE A 361 20.29 -6.82 26.04
C PHE A 361 20.59 -8.29 25.72
N PRO A 362 20.12 -9.23 26.55
CA PRO A 362 20.39 -10.64 26.27
C PRO A 362 19.73 -11.14 24.99
N ALA A 363 18.48 -10.74 24.73
CA ALA A 363 17.79 -11.18 23.52
C ALA A 363 18.50 -10.65 22.27
N GLN A 364 18.92 -9.39 22.29
CA GLN A 364 19.63 -8.84 21.15
C GLN A 364 20.98 -9.53 20.95
N SER A 365 21.70 -9.80 22.05
CA SER A 365 22.97 -10.48 21.94
C SER A 365 22.80 -11.94 21.55
N LEU A 366 21.70 -12.57 21.97
CA LEU A 366 21.43 -13.94 21.56
C LEU A 366 21.11 -14.00 20.07
N ALA A 367 20.35 -13.02 19.57
CA ALA A 367 20.03 -13.00 18.15
C ALA A 367 21.27 -12.78 17.30
N ALA A 368 22.17 -11.89 17.74
CA ALA A 368 23.40 -11.66 17.00
C ALA A 368 24.27 -12.91 16.96
N SER A 369 24.40 -13.60 18.09
CA SER A 369 25.20 -14.84 18.13
C SER A 369 24.58 -15.93 17.28
N ILE A 370 23.24 -15.99 17.20
CA ILE A 370 22.58 -17.02 16.41
C ILE A 370 22.95 -16.90 14.93
N TYR A 371 23.00 -15.66 14.43
CA TYR A 371 23.36 -15.47 13.02
C TYR A 371 24.82 -15.85 12.76
N VAL A 372 25.73 -15.43 13.65
CA VAL A 372 27.15 -15.66 13.42
C VAL A 372 27.47 -17.15 13.37
N GLU A 373 26.78 -17.95 14.19
CA GLU A 373 27.10 -19.37 14.27
C GLU A 373 26.41 -20.19 13.18
N THR A 374 25.29 -19.72 12.66
CA THR A 374 24.50 -20.51 11.72
C THR A 374 24.06 -19.78 10.46
N GLY A 375 24.12 -18.46 10.43
CA GLY A 375 23.52 -17.74 9.32
C GLY A 375 22.02 -17.65 9.40
N VAL A 376 21.44 -17.77 10.58
CA VAL A 376 20.00 -17.70 10.79
C VAL A 376 19.66 -16.34 11.38
N ARG A 377 18.73 -15.64 10.74
CA ARG A 377 18.27 -14.35 11.22
C ARG A 377 17.04 -14.54 12.10
N SER A 378 17.06 -13.93 13.28
CA SER A 378 15.92 -13.93 14.18
C SER A 378 15.65 -12.50 14.64
N MET A 379 14.49 -12.29 15.23
CA MET A 379 14.07 -10.96 15.66
C MET A 379 14.10 -10.88 17.18
N GLU A 380 14.76 -9.85 17.69
CA GLU A 380 14.74 -9.57 19.12
C GLU A 380 13.35 -9.09 19.54
N ARG A 381 12.81 -9.69 20.59
CA ARG A 381 11.50 -9.31 21.12
C ARG A 381 11.56 -9.20 22.64
N GLY A 382 12.46 -8.37 23.13
CA GLY A 382 12.56 -8.11 24.55
C GLY A 382 12.46 -6.63 24.88
N ILE A 383 13.43 -6.12 25.64
CA ILE A 383 13.35 -4.74 26.12
C ILE A 383 13.53 -3.75 24.97
N ILE A 384 14.37 -4.08 23.98
CA ILE A 384 14.64 -3.15 22.89
C ILE A 384 13.39 -2.88 22.09
N SER A 385 12.62 -3.93 21.79
CA SER A 385 11.35 -3.73 21.10
C SER A 385 10.37 -2.94 21.95
N ALA A 386 10.48 -3.03 23.28
CA ALA A 386 9.61 -2.29 24.16
C ALA A 386 9.93 -0.79 24.13
N GLY A 387 11.20 -0.44 23.91
CA GLY A 387 11.61 0.95 23.80
C GLY A 387 11.92 1.62 25.12
N THR A 392 9.14 10.35 30.72
CA THR A 392 10.32 10.01 31.50
C THR A 392 11.45 9.51 30.60
N GLY A 393 12.53 9.06 31.23
CA GLY A 393 13.72 8.59 30.54
C GLY A 393 14.11 7.19 30.97
N GLU A 394 13.21 6.22 30.81
CA GLU A 394 13.42 4.88 31.31
C GLU A 394 13.59 3.86 30.17
N HIS A 395 13.92 2.64 30.57
CA HIS A 395 14.17 1.53 29.66
C HIS A 395 12.93 0.71 29.32
N HIS A 396 11.98 0.59 30.25
CA HIS A 396 10.69 -0.08 30.06
C HIS A 396 10.89 -1.59 29.93
N ARG A 397 10.56 -2.31 31.00
CA ARG A 397 10.93 -3.72 31.17
C ARG A 397 9.73 -4.66 31.03
N PRO A 398 9.68 -5.51 30.00
CA PRO A 398 8.60 -6.48 29.88
C PRO A 398 8.99 -7.84 30.46
N LYS A 399 7.95 -8.63 30.78
CA LYS A 399 8.18 -9.97 31.32
C LYS A 399 8.88 -10.88 30.32
N LEU A 400 8.66 -10.66 29.03
CA LEU A 400 9.16 -11.55 27.99
C LEU A 400 10.41 -10.95 27.37
N GLU A 401 11.56 -11.57 27.65
CA GLU A 401 12.82 -11.27 26.97
C GLU A 401 13.09 -12.46 26.05
N THR A 402 12.59 -12.39 24.82
CA THR A 402 12.59 -13.54 23.94
C THR A 402 13.25 -13.20 22.60
N VAL A 403 13.63 -14.27 21.89
CA VAL A 403 14.14 -14.19 20.54
C VAL A 403 13.20 -15.01 19.66
N ARG A 404 12.62 -14.36 18.66
CA ARG A 404 11.58 -14.99 17.85
C ARG A 404 12.18 -15.63 16.61
N LEU A 405 11.93 -16.92 16.43
CA LEU A 405 12.28 -17.66 15.22
C LEU A 405 10.99 -17.81 14.43
N THR A 406 10.75 -16.87 13.53
CA THR A 406 9.49 -16.81 12.79
C THR A 406 9.63 -17.55 11.47
N ILE A 407 8.71 -18.47 11.21
CA ILE A 407 8.81 -19.40 10.08
C ILE A 407 7.93 -18.89 8.96
N PRO A 408 8.49 -18.48 7.82
CA PRO A 408 7.65 -18.22 6.64
C PRO A 408 6.98 -19.50 6.17
N ARG A 409 5.86 -19.34 5.49
CA ARG A 409 5.05 -20.48 5.07
C ARG A 409 5.57 -21.06 3.77
N ARG A 410 5.81 -22.38 3.76
CA ARG A 410 6.18 -23.14 2.57
C ARG A 410 7.54 -22.74 2.01
N VAL A 411 8.41 -22.17 2.83
CA VAL A 411 9.71 -21.68 2.37
C VAL A 411 10.85 -22.61 2.77
N TYR A 412 10.79 -23.19 3.96
CA TYR A 412 11.88 -24.00 4.49
C TYR A 412 11.41 -25.42 4.78
N THR A 413 12.38 -26.31 4.96
CA THR A 413 12.16 -27.73 5.17
C THR A 413 12.54 -28.12 6.60
N TYR A 414 12.30 -29.39 6.94
CA TYR A 414 12.73 -29.90 8.23
C TYR A 414 14.24 -29.87 8.37
N ALA A 415 14.97 -30.08 7.26
CA ALA A 415 16.42 -30.00 7.32
C ALA A 415 16.89 -28.59 7.67
N HIS A 416 16.17 -27.57 7.18
CA HIS A 416 16.48 -26.20 7.57
C HIS A 416 16.20 -25.98 9.05
N MET A 417 15.12 -26.58 9.57
CA MET A 417 14.84 -26.50 11.00
C MET A 417 15.96 -27.17 11.80
N ASP A 418 16.52 -28.27 11.29
CA ASP A 418 17.61 -28.94 11.98
C ASP A 418 18.85 -28.05 12.03
N VAL A 419 19.11 -27.29 10.96
CA VAL A 419 20.22 -26.34 10.98
C VAL A 419 20.01 -25.30 12.07
N VAL A 420 18.77 -24.80 12.20
CA VAL A 420 18.47 -23.83 13.24
C VAL A 420 18.59 -24.45 14.62
N ALA A 421 17.99 -25.62 14.81
CA ALA A 421 18.01 -26.28 16.11
C ALA A 421 19.43 -26.64 16.53
N ASP A 422 20.15 -27.36 15.65
CA ASP A 422 21.49 -27.83 16.01
C ASP A 422 22.42 -26.67 16.36
N GLY A 423 22.29 -25.55 15.64
CA GLY A 423 23.13 -24.41 15.94
C GLY A 423 22.79 -23.75 17.27
N ILE A 424 21.51 -23.60 17.56
CA ILE A 424 21.09 -23.04 18.84
C ILE A 424 21.47 -23.98 19.98
N ILE A 425 21.31 -25.28 19.77
CA ILE A 425 21.66 -26.25 20.81
C ILE A 425 23.15 -26.19 21.12
N LYS A 426 23.98 -26.12 20.08
CA LYS A 426 25.41 -25.97 20.30
C LYS A 426 25.74 -24.65 20.99
N LEU A 427 25.07 -23.58 20.58
CA LEU A 427 25.27 -22.28 21.23
C LEU A 427 24.80 -22.31 22.68
N TYR A 428 23.74 -23.06 22.98
CA TYR A 428 23.26 -23.16 24.34
C TYR A 428 24.21 -23.94 25.24
N GLN A 429 24.93 -24.91 24.68
CA GLN A 429 25.83 -25.72 25.47
C GLN A 429 27.00 -24.91 26.00
N HIS A 430 27.36 -23.81 25.33
CA HIS A 430 28.34 -22.87 25.84
C HIS A 430 27.74 -21.48 25.95
N LYS A 431 26.50 -21.42 26.45
CA LYS A 431 25.76 -20.17 26.56
C LYS A 431 26.50 -19.13 27.40
N GLU A 432 27.41 -19.56 28.27
CA GLU A 432 28.17 -18.62 29.10
C GLU A 432 28.99 -17.66 28.25
N ASP A 433 29.35 -18.04 27.03
CA ASP A 433 30.17 -17.19 26.17
C ASP A 433 29.42 -15.99 25.64
N ILE A 434 28.09 -16.01 25.65
CA ILE A 434 27.31 -14.91 25.09
C ILE A 434 27.58 -13.65 25.89
N ARG A 435 28.09 -12.62 25.22
CA ARG A 435 28.47 -11.37 25.86
C ARG A 435 27.33 -10.36 25.80
N GLY A 436 27.42 -9.35 26.66
CA GLY A 436 26.44 -8.28 26.66
C GLY A 436 26.72 -7.25 25.57
N LEU A 437 25.75 -6.37 25.38
CA LEU A 437 25.81 -5.34 24.36
C LEU A 437 25.67 -3.95 24.97
N LYS A 438 26.18 -2.95 24.25
CA LYS A 438 26.13 -1.57 24.67
C LYS A 438 25.61 -0.72 23.51
N PHE A 439 24.76 0.26 23.83
CA PHE A 439 24.15 1.09 22.79
C PHE A 439 25.18 1.95 22.08
N ILE A 440 25.10 1.95 20.75
CA ILE A 440 25.73 2.95 19.89
C ILE A 440 24.61 3.49 19.01
N TYR A 441 24.18 4.73 19.29
CA TYR A 441 23.13 5.43 18.55
C TYR A 441 21.76 4.81 18.80
N GLU A 442 20.80 5.62 19.21
CA GLU A 442 19.44 5.14 19.45
C GLU A 442 18.41 6.22 19.13
N PRO A 443 17.52 6.00 18.18
CA PRO A 443 16.43 6.95 17.93
C PRO A 443 15.34 6.76 18.98
N LYS A 444 14.27 7.53 18.84
CA LYS A 444 13.11 7.37 19.69
C LYS A 444 12.01 6.65 18.91
N GLN A 445 10.81 6.56 19.51
CA GLN A 445 9.63 5.96 18.90
C GLN A 445 9.86 4.48 18.57
N LEU A 446 10.76 4.19 17.63
CA LEU A 446 10.96 2.81 17.12
C LEU A 446 12.46 2.61 16.93
N ARG A 447 13.09 2.04 17.95
CA ARG A 447 14.54 1.94 18.05
C ARG A 447 15.08 0.55 17.73
N ALA A 448 14.24 -0.48 17.74
CA ALA A 448 14.71 -1.83 17.43
C ALA A 448 15.25 -1.93 16.00
N PHE A 449 14.73 -1.11 15.10
CA PHE A 449 15.08 -1.24 13.69
C PHE A 449 16.46 -0.65 13.37
N THR A 450 16.83 0.45 14.02
CA THR A 450 17.99 1.22 13.61
C THR A 450 19.14 1.26 14.61
N ALA A 451 18.93 0.78 15.83
CA ALA A 451 19.98 0.87 16.84
C ALA A 451 21.16 -0.04 16.49
N ARG A 452 22.35 0.36 16.96
CA ARG A 452 23.57 -0.40 16.79
C ARG A 452 24.21 -0.66 18.14
N PHE A 453 24.95 -1.77 18.23
CA PHE A 453 25.48 -2.24 19.50
C PHE A 453 26.94 -2.67 19.33
N ASP A 454 27.58 -2.96 20.45
CA ASP A 454 28.93 -3.51 20.46
C ASP A 454 29.10 -4.39 21.70
N TYR A 455 29.99 -5.36 21.60
CA TYR A 455 30.22 -6.29 22.69
C TYR A 455 30.83 -5.57 23.90
N ILE A 456 30.48 -6.04 25.09
CA ILE A 456 31.10 -5.53 26.31
C ILE A 456 32.16 -6.52 26.76
N ASN B 2 7.24 13.17 -36.05
CA ASN B 2 5.88 13.27 -36.53
C ASN B 2 5.17 11.92 -36.43
N TYR B 3 4.70 11.62 -35.22
CA TYR B 3 4.00 10.38 -34.86
C TYR B 3 4.87 9.17 -35.17
N PRO B 4 5.84 8.87 -34.31
CA PRO B 4 6.71 7.72 -34.54
C PRO B 4 6.03 6.40 -34.20
N ALA B 5 6.53 5.33 -34.80
CA ALA B 5 6.04 4.00 -34.48
C ALA B 5 6.51 3.60 -33.08
N GLU B 6 5.83 2.60 -32.52
CA GLU B 6 6.18 2.13 -31.18
C GLU B 6 7.64 1.71 -31.12
N PRO B 7 8.44 2.24 -30.19
CA PRO B 7 9.85 1.86 -30.10
C PRO B 7 10.04 0.55 -29.35
N PHE B 8 9.18 -0.44 -29.60
CA PHE B 8 9.23 -1.74 -28.94
C PHE B 8 8.31 -2.68 -29.69
N ARG B 9 8.45 -3.97 -29.39
CA ARG B 9 7.55 -5.00 -29.89
C ARG B 9 6.60 -5.43 -28.78
N ILE B 10 5.50 -6.08 -29.20
CA ILE B 10 4.57 -6.67 -28.24
C ILE B 10 5.13 -8.03 -27.80
N LYS B 11 5.43 -8.15 -26.51
CA LYS B 11 5.88 -9.43 -25.98
C LYS B 11 4.71 -10.33 -25.62
N SER B 12 3.68 -9.78 -24.98
CA SER B 12 2.49 -10.54 -24.63
C SER B 12 1.28 -9.62 -24.72
N VAL B 13 0.11 -10.22 -24.98
CA VAL B 13 -1.12 -9.45 -25.18
C VAL B 13 -2.11 -9.78 -24.06
N GLU B 14 -3.05 -8.87 -23.85
CA GLU B 14 -4.13 -9.04 -22.91
C GLU B 14 -5.44 -9.26 -23.67
N THR B 15 -6.14 -10.35 -23.33
CA THR B 15 -7.38 -10.69 -24.00
C THR B 15 -8.51 -9.76 -23.60
N VAL B 16 -9.31 -9.36 -24.59
CA VAL B 16 -10.45 -8.48 -24.39
C VAL B 16 -11.68 -9.16 -24.98
N SER B 17 -12.85 -8.82 -24.43
CA SER B 17 -14.09 -9.47 -24.86
C SER B 17 -14.60 -8.91 -26.19
N MET B 18 -14.68 -7.58 -26.31
CA MET B 18 -15.20 -6.91 -27.51
C MET B 18 -16.65 -7.30 -27.79
N ILE B 19 -17.52 -6.93 -26.86
CA ILE B 19 -18.96 -7.17 -26.99
C ILE B 19 -19.54 -6.18 -28.00
N PRO B 20 -20.61 -6.54 -28.73
CA PRO B 20 -21.16 -5.60 -29.73
C PRO B 20 -21.86 -4.41 -29.10
N ARG B 21 -22.33 -3.48 -29.94
CA ARG B 21 -22.90 -2.23 -29.43
C ARG B 21 -24.14 -2.48 -28.59
N ASP B 22 -25.05 -3.32 -29.06
CA ASP B 22 -26.27 -3.59 -28.31
C ASP B 22 -25.96 -4.22 -26.96
N GLU B 23 -24.90 -5.03 -26.88
CA GLU B 23 -24.48 -5.58 -25.59
C GLU B 23 -23.88 -4.49 -24.70
N ARG B 24 -23.08 -3.58 -25.29
CA ARG B 24 -22.48 -2.51 -24.51
C ARG B 24 -23.55 -1.59 -23.92
N LEU B 25 -24.63 -1.37 -24.67
CA LEU B 25 -25.74 -0.58 -24.13
C LEU B 25 -26.33 -1.25 -22.90
N LYS B 26 -26.45 -2.58 -22.92
CA LYS B 26 -26.92 -3.31 -21.75
C LYS B 26 -25.98 -3.10 -20.57
N LYS B 27 -24.67 -3.24 -20.81
CA LYS B 27 -23.70 -3.06 -19.73
C LYS B 27 -23.74 -1.64 -19.18
N MET B 28 -23.90 -0.64 -20.07
CA MET B 28 -23.93 0.74 -19.60
C MET B 28 -25.19 1.02 -18.77
N GLN B 29 -26.32 0.42 -19.16
CA GLN B 29 -27.53 0.59 -18.38
C GLN B 29 -27.41 -0.11 -17.02
N GLU B 30 -26.79 -1.29 -16.99
CA GLU B 30 -26.55 -1.97 -15.72
C GLU B 30 -25.62 -1.16 -14.83
N ALA B 31 -24.73 -0.38 -15.42
CA ALA B 31 -23.81 0.48 -14.68
C ALA B 31 -24.42 1.84 -14.37
N GLY B 32 -25.72 2.02 -14.58
CA GLY B 32 -26.36 3.29 -14.31
C GLY B 32 -25.80 4.44 -15.12
N TYR B 33 -25.31 4.17 -16.32
CA TYR B 33 -24.71 5.16 -17.21
C TYR B 33 -23.50 5.84 -16.58
N ASN B 34 -22.89 5.19 -15.59
CA ASN B 34 -21.67 5.67 -14.93
C ASN B 34 -20.53 4.76 -15.36
N THR B 35 -19.55 5.32 -16.07
CA THR B 35 -18.42 4.52 -16.52
C THR B 35 -17.61 3.96 -15.36
N PHE B 36 -17.68 4.58 -14.18
CA PHE B 36 -16.97 4.05 -13.03
C PHE B 36 -17.53 2.71 -12.56
N LEU B 37 -18.79 2.41 -12.89
CA LEU B 37 -19.42 1.16 -12.47
C LEU B 37 -19.30 0.06 -13.51
N LEU B 38 -18.65 0.32 -14.64
CA LEU B 38 -18.46 -0.71 -15.65
C LEU B 38 -17.44 -1.74 -15.18
N ASN B 39 -17.69 -3.00 -15.52
CA ASN B 39 -16.73 -4.06 -15.24
C ASN B 39 -15.58 -3.99 -16.25
N SER B 40 -14.35 -4.19 -15.76
CA SER B 40 -13.19 -4.15 -16.63
C SER B 40 -13.30 -5.15 -17.77
N LYS B 41 -13.91 -6.32 -17.51
CA LYS B 41 -14.04 -7.35 -18.53
C LYS B 41 -14.94 -6.92 -19.68
N ASP B 42 -15.74 -5.88 -19.51
CA ASP B 42 -16.67 -5.43 -20.53
C ASP B 42 -16.14 -4.24 -21.33
N ILE B 43 -14.85 -3.93 -21.24
CA ILE B 43 -14.28 -2.72 -21.80
C ILE B 43 -13.20 -3.10 -22.80
N TYR B 44 -13.32 -2.57 -24.02
CA TYR B 44 -12.31 -2.77 -25.07
C TYR B 44 -11.07 -1.92 -24.79
N ILE B 45 -11.25 -0.60 -24.71
CA ILE B 45 -10.15 0.34 -24.49
C ILE B 45 -10.48 1.13 -23.24
N ASP B 46 -9.68 0.95 -22.19
CA ASP B 46 -9.95 1.54 -20.88
C ASP B 46 -9.06 2.77 -20.71
N LEU B 47 -9.62 3.94 -20.99
CA LEU B 47 -8.91 5.21 -20.84
C LEU B 47 -9.34 5.94 -19.56
N LEU B 48 -9.71 5.19 -18.53
CA LEU B 48 -10.14 5.82 -17.27
C LEU B 48 -8.98 6.55 -16.59
N THR B 49 -7.80 5.94 -16.58
CA THR B 49 -6.65 6.57 -15.95
C THR B 49 -5.37 5.97 -16.52
N ASP B 50 -4.29 6.74 -16.41
CA ASP B 50 -2.95 6.26 -16.72
C ASP B 50 -2.21 5.80 -15.47
N SER B 51 -2.92 5.68 -14.34
CA SER B 51 -2.32 5.34 -13.07
C SER B 51 -2.36 3.83 -12.85
N GLY B 52 -1.19 3.20 -12.80
CA GLY B 52 -1.11 1.78 -12.50
C GLY B 52 -1.62 0.87 -13.59
N THR B 53 -1.95 1.41 -14.77
CA THR B 53 -2.48 0.63 -15.88
C THR B 53 -1.44 0.40 -16.97
N ASN B 54 -0.18 0.66 -16.69
CA ASN B 54 0.86 0.59 -17.72
C ASN B 54 1.23 -0.85 -18.01
N ALA B 55 1.82 -1.05 -19.20
CA ALA B 55 2.36 -2.33 -19.60
C ALA B 55 3.86 -2.35 -19.30
N MET B 56 4.30 -3.39 -18.59
CA MET B 56 5.70 -3.53 -18.23
C MET B 56 6.48 -4.22 -19.35
N SER B 57 7.81 -4.14 -19.27
CA SER B 57 8.67 -4.74 -20.26
C SER B 57 9.07 -6.15 -19.86
N ASP B 58 9.72 -6.86 -20.79
CA ASP B 58 10.25 -8.18 -20.49
C ASP B 58 11.29 -8.12 -19.39
N LYS B 59 12.11 -7.07 -19.37
CA LYS B 59 13.12 -6.93 -18.33
C LYS B 59 12.47 -6.70 -16.96
N GLN B 60 11.36 -5.96 -16.93
CA GLN B 60 10.64 -5.76 -15.68
C GLN B 60 10.06 -7.06 -15.17
N TRP B 61 9.48 -7.87 -16.06
CA TRP B 61 8.92 -9.15 -15.64
C TRP B 61 10.02 -10.14 -15.25
N ALA B 62 11.23 -9.97 -15.80
CA ALA B 62 12.36 -10.75 -15.33
C ALA B 62 12.71 -10.37 -13.89
N GLY B 63 12.68 -9.08 -13.58
CA GLY B 63 12.87 -8.66 -12.20
C GLY B 63 11.76 -9.13 -11.27
N MET B 64 10.55 -9.28 -11.80
CA MET B 64 9.45 -9.81 -11.00
C MET B 64 9.73 -11.24 -10.54
N MET B 65 10.51 -11.99 -11.31
CA MET B 65 10.89 -13.35 -10.91
C MET B 65 12.01 -13.36 -9.88
N MET B 66 12.72 -12.25 -9.71
N MET B 66 12.71 -12.25 -9.70
CA MET B 66 13.83 -12.17 -8.77
CA MET B 66 13.84 -12.14 -8.79
C MET B 66 13.46 -11.32 -7.55
C MET B 66 13.47 -11.36 -7.52
N GLY B 67 12.21 -11.46 -7.08
CA GLY B 67 11.77 -10.72 -5.93
C GLY B 67 12.42 -11.22 -4.66
N ASP B 68 13.15 -10.33 -3.97
CA ASP B 68 13.72 -10.63 -2.66
C ASP B 68 12.72 -10.15 -1.61
N GLU B 69 11.90 -11.08 -1.11
CA GLU B 69 10.77 -10.75 -0.25
C GLU B 69 11.15 -10.63 1.22
N ALA B 70 12.43 -10.39 1.52
CA ALA B 70 12.85 -10.22 2.90
C ALA B 70 12.24 -8.96 3.52
N TYR B 71 11.93 -9.05 4.81
CA TYR B 71 11.30 -7.92 5.50
C TYR B 71 12.26 -6.74 5.65
N ALA B 72 13.56 -7.00 5.74
CA ALA B 72 14.55 -5.96 5.87
C ALA B 72 15.78 -6.31 5.05
N GLY B 73 16.41 -5.29 4.47
CA GLY B 73 17.63 -5.51 3.71
C GLY B 73 17.43 -6.18 2.37
N SER B 74 16.23 -6.09 1.79
CA SER B 74 15.98 -6.70 0.49
C SER B 74 16.88 -6.09 -0.58
N GLU B 75 17.41 -6.95 -1.45
CA GLU B 75 18.20 -6.46 -2.58
C GLU B 75 17.39 -5.59 -3.51
N ASN B 76 16.08 -5.84 -3.61
CA ASN B 76 15.23 -5.02 -4.47
C ASN B 76 15.17 -3.59 -3.98
N PHE B 77 15.16 -3.39 -2.65
CA PHE B 77 15.18 -2.03 -2.11
C PHE B 77 16.49 -1.32 -2.43
N TYR B 78 17.61 -2.02 -2.30
CA TYR B 78 18.89 -1.42 -2.61
C TYR B 78 19.00 -1.05 -4.08
N HIS B 79 18.39 -1.84 -4.96
N HIS B 79 18.40 -1.85 -4.96
CA HIS B 79 18.37 -1.50 -6.38
CA HIS B 79 18.35 -1.52 -6.38
C HIS B 79 17.51 -0.25 -6.62
C HIS B 79 17.52 -0.25 -6.60
N LEU B 80 16.33 -0.19 -6.01
CA LEU B 80 15.48 0.98 -6.15
C LEU B 80 16.14 2.21 -5.56
N GLU B 81 16.73 2.08 -4.36
CA GLU B 81 17.41 3.20 -3.72
C GLU B 81 18.54 3.71 -4.59
N ARG B 82 19.38 2.80 -5.11
CA ARG B 82 20.50 3.21 -5.95
C ARG B 82 20.01 3.89 -7.23
N THR B 83 18.90 3.41 -7.79
CA THR B 83 18.40 3.96 -9.03
C THR B 83 17.88 5.39 -8.85
N VAL B 84 17.08 5.60 -7.82
CA VAL B 84 16.51 6.94 -7.60
C VAL B 84 17.59 7.93 -7.23
N GLN B 85 18.54 7.53 -6.37
CA GLN B 85 19.66 8.40 -6.05
C GLN B 85 20.48 8.73 -7.29
N GLU B 86 20.60 7.79 -8.22
CA GLU B 86 21.38 8.02 -9.43
C GLU B 86 20.64 8.94 -10.39
N LEU B 87 19.35 8.69 -10.61
CA LEU B 87 18.58 9.42 -11.61
C LEU B 87 18.00 10.73 -11.08
N PHE B 88 17.51 10.74 -9.84
CA PHE B 88 16.91 11.95 -9.29
C PHE B 88 17.90 12.82 -8.53
N GLY B 89 18.96 12.22 -7.97
CA GLY B 89 19.96 12.95 -7.24
C GLY B 89 19.66 13.16 -5.76
N PHE B 90 18.49 12.74 -5.29
CA PHE B 90 18.15 12.93 -3.89
C PHE B 90 18.97 11.99 -3.00
N LYS B 91 19.15 12.39 -1.75
CA LYS B 91 20.04 11.67 -0.85
C LYS B 91 19.36 10.48 -0.19
N HIS B 92 18.09 10.61 0.16
CA HIS B 92 17.39 9.59 0.93
C HIS B 92 16.09 9.20 0.25
N ILE B 93 15.77 7.91 0.30
CA ILE B 93 14.59 7.36 -0.36
C ILE B 93 13.80 6.53 0.65
N VAL B 94 12.46 6.65 0.60
CA VAL B 94 11.57 5.84 1.40
C VAL B 94 10.47 5.31 0.49
N PRO B 95 10.37 4.01 0.27
CA PRO B 95 9.33 3.48 -0.62
C PRO B 95 7.96 3.54 0.03
N THR B 96 6.95 3.74 -0.81
CA THR B 96 5.55 3.73 -0.39
C THR B 96 4.74 2.93 -1.39
N HIS B 97 3.54 2.51 -0.98
CA HIS B 97 2.75 1.64 -1.86
C HIS B 97 2.24 2.39 -3.08
N GLN B 98 1.99 3.70 -2.95
CA GLN B 98 1.75 4.55 -4.12
C GLN B 98 1.90 6.01 -3.70
N GLY B 99 1.54 6.92 -4.60
CA GLY B 99 1.86 8.33 -4.41
C GLY B 99 1.23 8.93 -3.17
N ARG B 100 -0.07 8.68 -2.95
CA ARG B 100 -0.75 9.27 -1.82
C ARG B 100 -0.24 8.74 -0.48
N GLY B 101 0.45 7.59 -0.49
CA GLY B 101 1.14 7.16 0.72
C GLY B 101 2.34 8.04 1.04
N ALA B 102 3.12 8.41 0.02
CA ALA B 102 4.23 9.33 0.24
C ALA B 102 3.74 10.73 0.59
N GLU B 103 2.60 11.14 0.04
CA GLU B 103 2.03 12.45 0.38
C GLU B 103 1.58 12.49 1.84
N ASN B 104 1.00 11.39 2.32
CA ASN B 104 0.63 11.30 3.73
C ASN B 104 1.84 11.51 4.63
N LEU B 105 2.99 10.94 4.24
CA LEU B 105 4.19 11.10 5.05
C LEU B 105 4.71 12.53 5.00
N LEU B 106 4.86 13.10 3.80
CA LEU B 106 5.42 14.43 3.66
C LEU B 106 4.56 15.48 4.36
N SER B 107 3.24 15.36 4.25
CA SER B 107 2.36 16.35 4.85
C SER B 107 2.48 16.35 6.37
N GLN B 108 2.72 15.20 6.98
CA GLN B 108 2.90 15.13 8.43
C GLN B 108 4.31 15.55 8.86
N LEU B 109 5.28 15.52 7.95
CA LEU B 109 6.66 15.81 8.30
C LEU B 109 7.05 17.27 8.11
N ALA B 110 6.40 17.98 7.18
CA ALA B 110 6.86 19.31 6.79
C ALA B 110 5.80 20.39 6.91
N ILE B 111 4.71 20.13 7.64
CA ILE B 111 3.63 21.10 7.79
C ILE B 111 3.35 21.26 9.29
N LYS B 112 3.56 22.48 9.79
CA LYS B 112 3.05 22.76 11.14
C LYS B 112 1.65 23.38 11.04
N PRO B 113 0.75 23.03 11.95
CA PRO B 113 -0.65 23.46 11.81
C PRO B 113 -0.78 24.98 11.75
N GLY B 114 -1.35 25.46 10.64
CA GLY B 114 -1.54 26.87 10.40
C GLY B 114 -0.71 27.44 9.29
N GLN B 115 0.24 26.67 8.75
CA GLN B 115 1.12 27.17 7.71
C GLN B 115 0.44 27.11 6.34
N TYR B 116 1.06 27.77 5.37
CA TYR B 116 0.55 27.80 4.00
C TYR B 116 1.35 26.86 3.12
N VAL B 117 0.66 26.20 2.19
CA VAL B 117 1.28 25.40 1.14
C VAL B 117 0.86 26.00 -0.19
N ALA B 118 1.84 26.37 -1.00
CA ALA B 118 1.59 27.01 -2.29
C ALA B 118 2.15 26.14 -3.41
N GLY B 119 1.38 26.02 -4.49
CA GLY B 119 1.84 25.23 -5.62
C GLY B 119 1.14 25.65 -6.89
N ASN B 120 1.68 25.16 -8.02
CA ASN B 120 1.07 25.38 -9.32
C ASN B 120 -0.19 24.53 -9.43
N MET B 121 -1.33 25.09 -9.01
CA MET B 121 -2.59 24.36 -8.85
C MET B 121 -2.40 23.20 -7.88
N TYR B 122 -3.32 22.24 -7.89
CA TYR B 122 -3.33 21.21 -6.86
C TYR B 122 -3.83 19.89 -7.46
N PHE B 123 -3.72 18.85 -6.65
CA PHE B 123 -4.36 17.57 -6.92
C PHE B 123 -5.20 17.18 -5.70
N THR B 124 -6.19 16.31 -5.93
CA THR B 124 -7.16 15.98 -4.90
C THR B 124 -6.48 15.35 -3.67
N THR B 125 -5.73 14.28 -3.88
CA THR B 125 -5.12 13.57 -2.75
C THR B 125 -4.05 14.42 -2.08
N THR B 126 -3.23 15.11 -2.88
CA THR B 126 -2.16 15.93 -2.31
C THR B 126 -2.73 17.06 -1.45
N ARG B 127 -3.74 17.76 -1.97
CA ARG B 127 -4.33 18.87 -1.23
C ARG B 127 -5.05 18.38 0.03
N TYR B 128 -5.63 17.18 -0.01
CA TYR B 128 -6.31 16.66 1.18
C TYR B 128 -5.35 16.46 2.32
N HIS B 129 -4.22 15.78 2.07
CA HIS B 129 -3.25 15.52 3.13
C HIS B 129 -2.62 16.81 3.62
N GLN B 130 -2.45 17.80 2.75
CA GLN B 130 -1.98 19.10 3.20
C GLN B 130 -2.97 19.77 4.14
N GLU B 131 -4.25 19.81 3.73
CA GLU B 131 -5.27 20.45 4.56
C GLU B 131 -5.62 19.59 5.77
N LYS B 132 -5.48 18.27 5.67
CA LYS B 132 -5.71 17.40 6.82
C LYS B 132 -4.74 17.72 7.94
N ASN B 133 -3.50 18.08 7.59
CA ASN B 133 -2.47 18.42 8.57
C ASN B 133 -2.43 19.90 8.89
N GLY B 134 -3.53 20.63 8.68
CA GLY B 134 -3.62 21.99 9.16
C GLY B 134 -3.01 23.04 8.27
N ALA B 135 -2.84 22.78 6.98
CA ALA B 135 -2.29 23.75 6.05
C ALA B 135 -3.40 24.41 5.25
N VAL B 136 -3.10 25.60 4.73
CA VAL B 136 -4.00 26.35 3.86
C VAL B 136 -3.36 26.42 2.49
N PHE B 137 -4.06 25.92 1.48
CA PHE B 137 -3.52 25.89 0.12
C PHE B 137 -3.68 27.24 -0.56
N VAL B 138 -2.65 27.63 -1.32
CA VAL B 138 -2.65 28.88 -2.09
C VAL B 138 -2.18 28.54 -3.49
N ASP B 139 -2.99 28.90 -4.49
CA ASP B 139 -2.62 28.65 -5.88
C ASP B 139 -1.74 29.79 -6.39
N ILE B 140 -0.53 29.47 -6.83
CA ILE B 140 0.39 30.47 -7.35
C ILE B 140 0.78 30.19 -8.80
N VAL B 141 0.00 29.36 -9.50
CA VAL B 141 0.21 29.18 -10.93
C VAL B 141 -0.15 30.47 -11.66
N ARG B 142 0.47 30.67 -12.81
CA ARG B 142 0.16 31.86 -13.60
C ARG B 142 -1.24 31.76 -14.18
N ASP B 143 -1.86 32.93 -14.39
CA ASP B 143 -3.27 33.00 -14.76
C ASP B 143 -3.56 32.30 -16.09
N GLU B 144 -2.57 32.18 -16.97
CA GLU B 144 -2.79 31.54 -18.26
C GLU B 144 -3.19 30.08 -18.13
N ALA B 145 -2.88 29.45 -16.99
CA ALA B 145 -3.20 28.03 -16.80
C ALA B 145 -4.70 27.78 -16.70
N HIS B 146 -5.49 28.78 -16.35
CA HIS B 146 -6.93 28.63 -16.20
C HIS B 146 -7.71 28.91 -17.48
N ASP B 147 -7.01 29.12 -18.60
CA ASP B 147 -7.65 29.29 -19.90
C ASP B 147 -7.54 27.98 -20.66
N ALA B 148 -8.66 27.27 -20.78
CA ALA B 148 -8.64 25.93 -21.38
C ALA B 148 -8.24 25.97 -22.84
N GLY B 149 -8.66 27.01 -23.57
CA GLY B 149 -8.39 27.12 -24.98
C GLY B 149 -7.08 27.79 -25.35
N LEU B 150 -6.39 28.36 -24.38
CA LEU B 150 -5.14 29.08 -24.65
C LEU B 150 -4.02 28.09 -24.93
N ASN B 151 -3.57 28.05 -26.18
CA ASN B 151 -2.53 27.10 -26.61
C ASN B 151 -1.18 27.78 -26.51
N ILE B 152 -0.61 27.76 -25.31
CA ILE B 152 0.74 28.26 -25.06
C ILE B 152 1.54 27.17 -24.36
N ALA B 153 2.85 27.32 -24.38
CA ALA B 153 3.77 26.33 -23.84
C ALA B 153 3.99 26.56 -22.35
N PHE B 154 4.13 25.46 -21.61
CA PHE B 154 4.47 25.48 -20.19
C PHE B 154 3.45 26.26 -19.36
N LYS B 155 2.18 25.87 -19.49
CA LYS B 155 1.13 26.53 -18.73
C LYS B 155 1.23 26.24 -17.23
N GLY B 156 1.97 25.21 -16.83
CA GLY B 156 2.12 24.86 -15.44
C GLY B 156 3.12 25.70 -14.66
N ASP B 157 3.76 26.68 -15.29
CA ASP B 157 4.75 27.49 -14.60
C ASP B 157 4.11 28.28 -13.46
N ILE B 158 4.89 28.46 -12.39
CA ILE B 158 4.46 29.24 -11.25
C ILE B 158 4.69 30.72 -11.53
N ASP B 159 3.68 31.54 -11.21
CA ASP B 159 3.82 32.99 -11.31
C ASP B 159 4.74 33.48 -10.20
N LEU B 160 5.95 33.91 -10.56
CA LEU B 160 6.93 34.33 -9.56
C LEU B 160 6.44 35.51 -8.73
N LYS B 161 5.67 36.42 -9.33
CA LYS B 161 5.15 37.55 -8.56
C LYS B 161 4.11 37.09 -7.53
N LYS B 162 3.26 36.13 -7.90
CA LYS B 162 2.30 35.59 -6.95
C LYS B 162 3.03 34.95 -5.77
N LEU B 163 4.12 34.23 -6.03
CA LEU B 163 4.91 33.68 -4.94
C LEU B 163 5.58 34.78 -4.13
N GLN B 164 6.09 35.82 -4.82
CA GLN B 164 6.67 36.95 -4.11
C GLN B 164 5.62 37.67 -3.26
N LYS B 165 4.39 37.75 -3.77
CA LYS B 165 3.31 38.38 -3.01
C LYS B 165 2.98 37.58 -1.76
N LEU B 166 3.00 36.24 -1.87
CA LEU B 166 2.69 35.40 -0.71
C LEU B 166 3.75 35.56 0.37
N ILE B 167 5.03 35.57 -0.02
CA ILE B 167 6.11 35.74 0.94
C ILE B 167 6.03 37.10 1.62
N ASP B 168 5.51 38.11 0.90
CA ASP B 168 5.41 39.44 1.48
C ASP B 168 4.20 39.57 2.39
N GLU B 169 3.03 39.16 1.91
CA GLU B 169 1.81 39.31 2.72
C GLU B 169 1.79 38.33 3.88
N LYS B 170 2.28 37.11 3.64
CA LYS B 170 2.36 36.08 4.66
C LYS B 170 3.82 35.81 4.97
N GLY B 171 4.18 35.83 6.24
CA GLY B 171 5.56 35.62 6.62
C GLY B 171 6.12 34.33 6.06
N ALA B 172 7.41 34.35 5.73
CA ALA B 172 8.05 33.16 5.19
C ALA B 172 8.11 32.05 6.22
N GLU B 173 8.13 32.40 7.50
CA GLU B 173 8.11 31.41 8.57
C GLU B 173 6.78 30.67 8.60
N ASN B 174 5.72 31.25 8.03
CA ASN B 174 4.40 30.65 7.99
C ASN B 174 4.14 29.88 6.70
N ILE B 175 5.16 29.69 5.88
CA ILE B 175 5.04 28.94 4.63
C ILE B 175 5.68 27.58 4.85
N ALA B 176 4.86 26.52 4.80
CA ALA B 176 5.40 25.17 4.97
C ALA B 176 6.38 24.84 3.86
N TYR B 177 5.90 24.79 2.61
CA TYR B 177 6.74 24.55 1.45
C TYR B 177 5.95 24.89 0.20
N ILE B 178 6.67 24.98 -0.92
CA ILE B 178 6.07 25.12 -2.23
C ILE B 178 5.98 23.75 -2.86
N CYS B 179 4.79 23.37 -3.32
CA CYS B 179 4.53 22.06 -3.90
C CYS B 179 4.44 22.23 -5.42
N LEU B 180 5.57 22.00 -6.09
CA LEU B 180 5.64 22.14 -7.54
C LEU B 180 5.34 20.80 -8.18
N ALA B 181 4.29 20.74 -8.98
CA ALA B 181 3.84 19.51 -9.61
C ALA B 181 4.29 19.49 -11.07
N VAL B 182 4.88 18.37 -11.50
CA VAL B 182 5.28 18.14 -12.88
C VAL B 182 4.81 16.75 -13.28
N THR B 183 3.89 16.69 -14.24
CA THR B 183 3.23 17.85 -14.80
C THR B 183 2.05 18.28 -13.92
N VAL B 184 1.26 19.24 -14.41
CA VAL B 184 0.09 19.74 -13.69
C VAL B 184 -1.12 19.00 -14.24
N ASN B 185 -1.60 18.01 -13.47
CA ASN B 185 -2.70 17.18 -13.96
C ASN B 185 -3.99 17.97 -14.10
N LEU B 186 -4.25 18.90 -13.17
CA LEU B 186 -5.53 19.60 -13.17
C LEU B 186 -5.64 20.58 -14.32
N ALA B 187 -4.51 21.10 -14.81
CA ALA B 187 -4.51 21.99 -15.96
C ALA B 187 -4.54 21.22 -17.28
N GLY B 188 -4.63 19.90 -17.25
CA GLY B 188 -4.61 19.10 -18.44
C GLY B 188 -3.30 18.41 -18.73
N GLY B 189 -2.44 18.22 -17.73
CA GLY B 189 -1.13 17.64 -17.96
C GLY B 189 -0.13 18.59 -18.58
N GLN B 190 -0.15 19.86 -18.15
CA GLN B 190 0.71 20.89 -18.73
C GLN B 190 2.07 20.89 -18.05
N PRO B 191 3.14 21.08 -18.82
CA PRO B 191 4.49 20.97 -18.25
C PRO B 191 4.95 22.26 -17.58
N VAL B 192 6.03 22.13 -16.82
CA VAL B 192 6.70 23.25 -16.16
C VAL B 192 8.09 23.38 -16.76
N SER B 193 8.48 24.61 -17.07
CA SER B 193 9.77 24.87 -17.69
C SER B 193 10.89 24.78 -16.65
N MET B 194 12.10 24.50 -17.15
CA MET B 194 13.26 24.46 -16.27
C MET B 194 13.59 25.83 -15.71
N ALA B 195 13.43 26.88 -16.53
CA ALA B 195 13.67 28.23 -16.05
C ALA B 195 12.75 28.60 -14.91
N ASN B 196 11.51 28.09 -14.93
CA ASN B 196 10.59 28.35 -13.83
C ASN B 196 11.05 27.63 -12.55
N MET B 197 11.45 26.37 -12.67
CA MET B 197 11.93 25.63 -11.51
C MET B 197 13.17 26.27 -10.90
N ARG B 198 14.05 26.82 -11.75
CA ARG B 198 15.24 27.48 -11.24
C ARG B 198 14.89 28.78 -10.53
N ALA B 199 13.95 29.55 -11.09
CA ALA B 199 13.55 30.80 -10.45
C ALA B 199 12.84 30.55 -9.13
N VAL B 200 12.01 29.51 -9.06
CA VAL B 200 11.36 29.15 -7.81
C VAL B 200 12.41 28.76 -6.77
N ARG B 201 13.40 27.97 -7.19
CA ARG B 201 14.48 27.59 -6.27
C ARG B 201 15.28 28.82 -5.83
N GLU B 202 15.49 29.77 -6.74
CA GLU B 202 16.23 30.98 -6.39
C GLU B 202 15.47 31.82 -5.38
N LEU B 203 14.15 31.94 -5.56
CA LEU B 203 13.37 32.80 -4.67
C LEU B 203 13.15 32.14 -3.30
N THR B 204 12.89 30.84 -3.28
CA THR B 204 12.64 30.15 -2.01
C THR B 204 13.93 30.03 -1.19
N ALA B 205 15.06 29.79 -1.84
CA ALA B 205 16.32 29.65 -1.11
C ALA B 205 16.73 30.95 -0.44
N ALA B 206 16.32 32.09 -1.00
CA ALA B 206 16.64 33.37 -0.38
C ALA B 206 15.88 33.59 0.92
N HIS B 207 14.75 32.90 1.12
CA HIS B 207 13.95 33.04 2.32
C HIS B 207 13.92 31.76 3.16
N GLY B 208 14.77 30.78 2.84
CA GLY B 208 14.81 29.56 3.61
C GLY B 208 13.59 28.69 3.48
N ILE B 209 12.84 28.81 2.40
CA ILE B 209 11.62 28.04 2.18
C ILE B 209 11.96 26.77 1.42
N LYS B 210 11.35 25.65 1.81
CA LYS B 210 11.58 24.36 1.17
C LYS B 210 10.69 24.20 -0.05
N VAL B 211 11.16 23.39 -1.00
CA VAL B 211 10.43 23.08 -2.22
C VAL B 211 10.37 21.56 -2.38
N PHE B 212 9.16 21.03 -2.53
CA PHE B 212 8.95 19.60 -2.73
C PHE B 212 8.16 19.38 -4.00
N TYR B 213 8.63 18.47 -4.85
CA TYR B 213 8.02 18.21 -6.14
C TYR B 213 6.98 17.10 -6.07
N ASP B 214 5.88 17.28 -6.79
CA ASP B 214 4.94 16.22 -7.09
C ASP B 214 5.31 15.70 -8.46
N ALA B 215 6.14 14.66 -8.49
CA ALA B 215 6.87 14.26 -9.70
C ALA B 215 6.28 13.05 -10.40
N THR B 216 4.99 12.78 -10.20
CA THR B 216 4.40 11.55 -10.72
C THR B 216 4.57 11.44 -12.23
N ARG B 217 4.44 12.55 -12.94
CA ARG B 217 4.60 12.58 -14.39
C ARG B 217 5.79 13.45 -14.78
N CYS B 218 6.88 13.36 -14.02
CA CYS B 218 8.06 14.19 -14.26
C CYS B 218 8.76 13.85 -15.56
N VAL B 219 8.71 12.59 -15.99
CA VAL B 219 9.38 12.21 -17.23
C VAL B 219 8.70 12.84 -18.43
N GLU B 220 7.36 12.83 -18.44
CA GLU B 220 6.63 13.53 -19.50
C GLU B 220 6.97 15.02 -19.49
N ASN B 221 7.11 15.60 -18.30
CA ASN B 221 7.54 16.98 -18.18
C ASN B 221 8.92 17.19 -18.78
N ALA B 222 9.83 16.23 -18.54
CA ALA B 222 11.19 16.35 -19.06
C ALA B 222 11.21 16.34 -20.58
N TYR B 223 10.32 15.59 -21.22
CA TYR B 223 10.28 15.57 -22.68
C TYR B 223 9.85 16.92 -23.23
N PHE B 224 8.86 17.56 -22.62
CA PHE B 224 8.44 18.88 -23.06
C PHE B 224 9.57 19.89 -22.97
N ILE B 225 10.43 19.76 -21.96
CA ILE B 225 11.60 20.64 -21.87
C ILE B 225 12.55 20.39 -23.03
N LYS B 226 12.82 19.12 -23.34
CA LYS B 226 13.71 18.80 -24.45
C LYS B 226 13.13 19.22 -25.78
N GLU B 227 11.80 19.19 -25.92
CA GLU B 227 11.16 19.49 -27.19
C GLU B 227 10.93 20.98 -27.42
N GLN B 228 10.54 21.72 -26.38
CA GLN B 228 10.05 23.08 -26.56
C GLN B 228 10.86 24.16 -25.87
N GLU B 229 11.66 23.83 -24.87
CA GLU B 229 12.46 24.83 -24.16
C GLU B 229 13.83 24.92 -24.81
N GLN B 230 14.21 26.13 -25.24
CA GLN B 230 15.47 26.33 -25.94
C GLN B 230 16.65 26.08 -25.02
N GLY B 231 17.70 25.48 -25.58
CA GLY B 231 18.90 25.18 -24.83
C GLY B 231 19.01 23.76 -24.32
N PHE B 232 17.92 22.99 -24.38
CA PHE B 232 17.90 21.62 -23.89
C PHE B 232 17.79 20.58 -25.00
N GLU B 233 17.98 21.00 -26.26
CA GLU B 233 17.87 20.05 -27.36
C GLU B 233 19.03 19.05 -27.39
N ASN B 234 20.18 19.43 -26.84
CA ASN B 234 21.34 18.54 -26.82
C ASN B 234 21.42 17.70 -25.54
N LYS B 235 20.45 17.82 -24.63
CA LYS B 235 20.48 17.11 -23.36
C LYS B 235 19.54 15.91 -23.39
N SER B 236 20.00 14.81 -22.79
CA SER B 236 19.19 13.61 -22.72
C SER B 236 18.07 13.78 -21.69
N ILE B 237 17.11 12.85 -21.74
CA ILE B 237 16.01 12.87 -20.78
C ILE B 237 16.54 12.75 -19.35
N ALA B 238 17.50 11.84 -19.13
CA ALA B 238 18.04 11.64 -17.80
C ALA B 238 18.73 12.89 -17.26
N GLU B 239 19.49 13.58 -18.12
CA GLU B 239 20.16 14.80 -17.69
C GLU B 239 19.13 15.87 -17.31
N ILE B 240 18.01 15.93 -18.03
CA ILE B 240 16.99 16.92 -17.73
C ILE B 240 16.28 16.57 -16.42
N VAL B 241 15.97 15.28 -16.22
CA VAL B 241 15.34 14.85 -14.98
C VAL B 241 16.23 15.19 -13.79
N HIS B 242 17.53 14.91 -13.91
CA HIS B 242 18.45 15.18 -12.81
C HIS B 242 18.53 16.67 -12.51
N GLU B 243 18.50 17.51 -13.54
CA GLU B 243 18.54 18.96 -13.32
C GLU B 243 17.26 19.47 -12.68
N MET B 244 16.11 18.91 -13.08
CA MET B 244 14.83 19.32 -12.50
C MET B 244 14.85 19.18 -10.98
N PHE B 245 15.23 18.00 -10.49
CA PHE B 245 15.20 17.73 -9.06
C PHE B 245 16.34 18.39 -8.30
N SER B 246 17.34 18.93 -8.99
CA SER B 246 18.38 19.69 -8.32
C SER B 246 17.86 21.01 -7.76
N TYR B 247 16.66 21.43 -8.15
CA TYR B 247 16.03 22.64 -7.63
C TYR B 247 14.98 22.33 -6.58
N ALA B 248 15.00 21.13 -6.01
CA ALA B 248 14.03 20.72 -5.00
C ALA B 248 14.74 20.11 -3.81
N ASP B 249 14.08 20.19 -2.65
CA ASP B 249 14.57 19.56 -1.44
C ASP B 249 14.03 18.14 -1.25
N GLY B 250 13.08 17.72 -2.08
CA GLY B 250 12.52 16.38 -2.00
C GLY B 250 11.42 16.24 -3.01
N CYS B 251 10.77 15.07 -2.99
CA CYS B 251 9.68 14.83 -3.91
C CYS B 251 8.82 13.68 -3.41
N THR B 252 7.56 13.67 -3.84
CA THR B 252 6.67 12.54 -3.71
C THR B 252 6.40 11.99 -5.10
N MET B 253 6.52 10.68 -5.26
CA MET B 253 6.42 10.05 -6.57
C MET B 253 5.37 8.95 -6.53
N SER B 254 4.51 8.93 -7.54
CA SER B 254 3.61 7.80 -7.79
C SER B 254 4.23 7.00 -8.93
N GLY B 255 4.87 5.88 -8.60
CA GLY B 255 5.46 5.03 -9.61
C GLY B 255 4.44 4.52 -10.61
N LYS B 256 3.17 4.43 -10.20
CA LYS B 256 2.09 3.99 -11.08
C LYS B 256 1.97 4.83 -12.34
N LYS B 257 2.68 5.95 -12.43
CA LYS B 257 2.66 6.78 -13.63
C LYS B 257 3.92 6.56 -14.45
N ASP B 258 4.90 7.44 -14.30
CA ASP B 258 6.07 7.45 -15.18
C ASP B 258 7.14 6.44 -14.79
N CYS B 259 6.91 5.60 -13.79
CA CYS B 259 7.80 4.49 -13.51
C CYS B 259 7.38 3.20 -14.21
N LEU B 260 6.30 3.24 -14.99
CA LEU B 260 5.91 2.13 -15.87
C LEU B 260 5.59 0.86 -15.09
N VAL B 261 4.93 1.03 -13.94
CA VAL B 261 4.52 -0.09 -13.10
C VAL B 261 3.03 0.03 -12.79
N ASN B 262 2.50 -1.03 -12.19
CA ASN B 262 1.09 -1.09 -11.81
C ASN B 262 0.86 -0.77 -10.34
N ILE B 263 1.93 -0.61 -9.57
CA ILE B 263 1.82 -0.26 -8.16
C ILE B 263 3.19 0.27 -7.74
N GLY B 264 3.19 1.14 -6.74
CA GLY B 264 4.45 1.63 -6.20
C GLY B 264 4.60 3.14 -6.16
N GLY B 265 5.40 3.61 -5.21
CA GLY B 265 5.74 5.01 -5.08
C GLY B 265 6.90 5.13 -4.12
N PHE B 266 7.34 6.37 -3.90
CA PHE B 266 8.40 6.60 -2.92
C PHE B 266 8.43 8.08 -2.56
N LEU B 267 9.16 8.37 -1.47
CA LEU B 267 9.34 9.71 -0.96
C LEU B 267 10.82 10.01 -0.91
N CYS B 268 11.22 11.16 -1.46
CA CYS B 268 12.62 11.55 -1.51
C CYS B 268 12.84 12.83 -0.73
N MET B 269 14.07 13.02 -0.28
CA MET B 269 14.47 14.20 0.46
C MET B 269 15.99 14.17 0.64
N ASN B 270 16.56 15.35 0.91
CA ASN B 270 17.99 15.48 1.17
C ASN B 270 18.31 15.70 2.64
N ASP B 271 17.35 16.14 3.43
CA ASP B 271 17.60 16.48 4.84
C ASP B 271 17.71 15.20 5.67
N ASP B 272 18.79 15.09 6.43
CA ASP B 272 19.00 13.90 7.24
C ASP B 272 17.99 13.80 8.37
N GLU B 273 17.68 14.92 9.02
CA GLU B 273 16.76 14.91 10.16
C GLU B 273 15.35 14.52 9.73
N MET B 274 14.88 15.06 8.59
CA MET B 274 13.57 14.69 8.09
C MET B 274 13.51 13.23 7.66
N PHE B 275 14.63 12.70 7.15
CA PHE B 275 14.68 11.29 6.77
C PHE B 275 14.54 10.37 7.99
N SER B 276 15.14 10.77 9.12
CA SER B 276 14.99 9.98 10.33
C SER B 276 13.53 9.91 10.77
N SER B 277 12.82 11.04 10.72
CA SER B 277 11.41 11.04 11.06
C SER B 277 10.58 10.32 10.01
N ALA B 278 11.03 10.35 8.75
CA ALA B 278 10.31 9.63 7.70
C ALA B 278 10.35 8.13 7.92
N LYS B 279 11.51 7.60 8.34
CA LYS B 279 11.61 6.17 8.60
C LYS B 279 10.77 5.75 9.80
N GLU B 280 10.61 6.64 10.79
CA GLU B 280 9.78 6.31 11.95
C GLU B 280 8.29 6.35 11.60
N LEU B 281 7.90 7.23 10.66
CA LEU B 281 6.49 7.37 10.33
C LEU B 281 6.02 6.37 9.30
N VAL B 282 6.92 5.92 8.41
CA VAL B 282 6.53 4.96 7.39
C VAL B 282 6.15 3.62 8.01
N VAL B 283 6.63 3.32 9.22
CA VAL B 283 6.37 2.04 9.84
C VAL B 283 4.88 1.89 10.17
N VAL B 284 4.25 2.96 10.66
CA VAL B 284 2.87 2.85 11.11
C VAL B 284 1.86 2.94 9.96
N TYR B 285 2.26 3.46 8.80
CA TYR B 285 1.33 3.61 7.68
C TYR B 285 1.62 2.66 6.53
N GLU B 286 2.87 2.59 6.07
CA GLU B 286 3.22 1.78 4.90
C GLU B 286 3.93 0.48 5.28
N GLY B 287 4.99 0.57 6.07
CA GLY B 287 5.77 -0.59 6.43
C GLY B 287 7.20 -0.18 6.74
N MET B 288 8.08 -1.18 6.75
CA MET B 288 9.48 -0.93 7.03
C MET B 288 10.08 -0.03 5.95
N PRO B 289 11.09 0.77 6.28
CA PRO B 289 11.78 1.57 5.26
C PRO B 289 12.46 0.73 4.19
N SER B 290 12.49 -0.59 4.34
CA SER B 290 13.11 -1.49 3.38
C SER B 290 12.14 -2.03 2.34
N TYR B 291 10.84 -1.79 2.49
CA TYR B 291 9.89 -2.21 1.47
C TYR B 291 8.71 -1.24 1.37
N GLY B 292 8.37 -0.60 2.49
CA GLY B 292 7.36 0.46 2.51
C GLY B 292 6.03 0.11 1.87
N GLY B 293 5.45 -1.01 2.25
CA GLY B 293 4.17 -1.42 1.72
C GLY B 293 4.20 -2.03 0.34
N LEU B 294 5.38 -2.37 -0.17
CA LEU B 294 5.54 -2.98 -1.49
C LEU B 294 6.19 -4.34 -1.37
N ALA B 295 5.77 -5.27 -2.22
CA ALA B 295 6.51 -6.50 -2.38
C ALA B 295 7.88 -6.21 -2.98
N GLY B 296 8.85 -7.08 -2.67
CA GLY B 296 10.19 -6.89 -3.22
C GLY B 296 10.20 -6.86 -4.73
N ARG B 297 9.41 -7.74 -5.36
CA ARG B 297 9.35 -7.77 -6.82
C ARG B 297 8.82 -6.47 -7.40
N ASP B 298 7.96 -5.77 -6.65
CA ASP B 298 7.41 -4.50 -7.14
C ASP B 298 8.42 -3.36 -7.02
N MET B 299 9.27 -3.37 -5.98
CA MET B 299 10.36 -2.41 -5.92
C MET B 299 11.34 -2.63 -7.07
N GLU B 300 11.57 -3.90 -7.42
CA GLU B 300 12.47 -4.20 -8.54
C GLU B 300 11.89 -3.70 -9.86
N ALA B 301 10.61 -3.98 -10.10
CA ALA B 301 9.97 -3.52 -11.33
C ALA B 301 9.99 -2.00 -11.43
N MET B 302 9.81 -1.32 -10.30
CA MET B 302 9.82 0.15 -10.32
C MET B 302 11.23 0.68 -10.56
N ALA B 303 12.24 0.01 -10.00
CA ALA B 303 13.63 0.41 -10.27
C ALA B 303 13.97 0.23 -11.74
N ILE B 304 13.50 -0.85 -12.35
CA ILE B 304 13.77 -1.09 -13.76
C ILE B 304 12.94 -0.15 -14.63
N GLY B 305 11.67 0.05 -14.28
CA GLY B 305 10.81 0.89 -15.09
C GLY B 305 11.25 2.34 -15.10
N LEU B 306 11.74 2.84 -13.96
CA LEU B 306 12.20 4.23 -13.90
C LEU B 306 13.38 4.44 -14.85
N ARG B 307 14.26 3.45 -14.96
CA ARG B 307 15.38 3.57 -15.89
C ARG B 307 14.92 3.45 -17.33
N GLU B 308 13.87 2.67 -17.59
CA GLU B 308 13.34 2.56 -18.95
C GLU B 308 12.65 3.84 -19.39
N ALA B 309 12.04 4.57 -18.46
CA ALA B 309 11.37 5.82 -18.81
C ALA B 309 12.33 6.87 -19.33
N MET B 310 13.62 6.76 -19.00
CA MET B 310 14.60 7.75 -19.44
C MET B 310 14.97 7.60 -20.91
N GLN B 311 14.53 6.54 -21.58
CA GLN B 311 14.81 6.38 -23.00
C GLN B 311 14.03 7.41 -23.80
N TYR B 312 14.74 8.18 -24.62
CA TYR B 312 14.09 9.25 -25.38
C TYR B 312 13.01 8.70 -26.30
N GLU B 313 13.31 7.61 -27.01
CA GLU B 313 12.36 7.08 -27.99
C GLU B 313 11.07 6.61 -27.33
N TYR B 314 11.16 6.09 -26.10
CA TYR B 314 9.94 5.70 -25.39
C TYR B 314 9.07 6.92 -25.09
N ILE B 315 9.65 7.95 -24.46
CA ILE B 315 8.85 9.05 -23.96
C ILE B 315 8.39 9.94 -25.11
N GLU B 316 9.16 10.00 -26.20
CA GLU B 316 8.70 10.72 -27.39
C GLU B 316 7.45 10.07 -27.95
N HIS B 317 7.45 8.74 -28.09
CA HIS B 317 6.27 8.05 -28.59
C HIS B 317 5.10 8.17 -27.62
N ARG B 318 5.38 8.12 -26.31
CA ARG B 318 4.32 8.26 -25.32
C ARG B 318 3.59 9.59 -25.49
N VAL B 319 4.33 10.68 -25.56
CA VAL B 319 3.69 11.99 -25.68
C VAL B 319 3.04 12.15 -27.04
N LYS B 320 3.73 11.74 -28.11
CA LYS B 320 3.20 11.95 -29.45
C LYS B 320 2.03 11.03 -29.78
N GLN B 321 1.88 9.92 -29.06
CA GLN B 321 0.68 9.10 -29.24
C GLN B 321 -0.55 9.83 -28.70
N VAL B 322 -0.42 10.46 -27.54
CA VAL B 322 -1.51 11.28 -27.02
C VAL B 322 -1.77 12.46 -27.94
N ARG B 323 -0.69 13.10 -28.41
CA ARG B 323 -0.83 14.23 -29.33
C ARG B 323 -1.52 13.80 -30.63
N TYR B 324 -1.25 12.58 -31.08
CA TYR B 324 -1.93 12.07 -32.27
C TYR B 324 -3.44 12.02 -32.08
N LEU B 325 -3.88 11.54 -30.92
CA LEU B 325 -5.32 11.52 -30.63
C LEU B 325 -5.89 12.92 -30.59
N GLY B 326 -5.22 13.85 -29.90
CA GLY B 326 -5.71 15.20 -29.81
C GLY B 326 -5.73 15.93 -31.15
N ASP B 327 -4.69 15.70 -31.97
CA ASP B 327 -4.63 16.36 -33.27
C ASP B 327 -5.71 15.83 -34.21
N LYS B 328 -6.02 14.53 -34.13
CA LYS B 328 -7.06 13.98 -34.99
C LYS B 328 -8.43 14.51 -34.59
N LEU B 329 -8.65 14.69 -33.29
CA LEU B 329 -9.91 15.29 -32.83
C LEU B 329 -9.98 16.76 -33.20
N LYS B 330 -8.87 17.49 -33.01
CA LYS B 330 -8.86 18.92 -33.33
C LYS B 330 -9.04 19.16 -34.82
N ALA B 331 -8.48 18.29 -35.66
CA ALA B 331 -8.60 18.46 -37.10
C ALA B 331 -10.03 18.19 -37.59
N ALA B 332 -10.82 17.43 -36.85
CA ALA B 332 -12.20 17.16 -37.22
C ALA B 332 -13.17 18.17 -36.63
N GLY B 333 -12.69 19.15 -35.86
CA GLY B 333 -13.55 20.12 -35.23
C GLY B 333 -14.03 19.77 -33.85
N VAL B 334 -13.55 18.67 -33.28
CA VAL B 334 -13.97 18.28 -31.93
C VAL B 334 -13.31 19.21 -30.91
N PRO B 335 -14.07 19.83 -30.01
CA PRO B 335 -13.48 20.78 -29.04
C PRO B 335 -12.75 20.03 -27.94
N ILE B 336 -11.46 20.36 -27.75
CA ILE B 336 -10.63 19.75 -26.73
C ILE B 336 -9.90 20.84 -25.97
N VAL B 337 -9.43 20.48 -24.77
CA VAL B 337 -8.56 21.37 -24.01
C VAL B 337 -7.20 21.43 -24.67
N GLU B 338 -6.66 22.65 -24.78
CA GLU B 338 -5.40 22.86 -25.48
C GLU B 338 -4.42 23.60 -24.59
N PRO B 339 -3.11 23.35 -24.74
CA PRO B 339 -2.57 22.31 -25.62
C PRO B 339 -2.75 20.91 -25.05
N VAL B 340 -2.58 19.89 -25.89
CA VAL B 340 -2.71 18.52 -25.41
C VAL B 340 -1.62 18.24 -24.38
N GLY B 341 -2.03 17.68 -23.25
CA GLY B 341 -1.08 17.34 -22.20
C GLY B 341 -0.28 16.10 -22.52
N GLY B 342 0.57 15.73 -21.56
CA GLY B 342 1.46 14.60 -21.77
C GLY B 342 0.82 13.24 -21.59
N HIS B 343 -0.33 13.17 -20.92
CA HIS B 343 -0.91 11.88 -20.56
C HIS B 343 -2.36 11.70 -20.96
N ALA B 344 -3.06 12.74 -21.39
CA ALA B 344 -4.49 12.61 -21.66
C ALA B 344 -4.96 13.69 -22.62
N VAL B 345 -6.12 13.44 -23.21
CA VAL B 345 -6.84 14.42 -24.02
C VAL B 345 -8.17 14.70 -23.34
N PHE B 346 -8.49 15.98 -23.16
CA PHE B 346 -9.70 16.41 -22.45
C PHE B 346 -10.70 16.95 -23.46
N LEU B 347 -11.84 16.27 -23.59
CA LEU B 347 -12.94 16.76 -24.42
C LEU B 347 -13.71 17.84 -23.69
N ASP B 348 -13.94 18.97 -24.34
CA ASP B 348 -14.75 20.05 -23.77
C ASP B 348 -16.21 19.66 -23.94
N ALA B 349 -16.77 19.01 -22.92
CA ALA B 349 -18.14 18.53 -23.00
C ALA B 349 -19.17 19.66 -22.99
N ARG B 350 -18.82 20.83 -22.44
CA ARG B 350 -19.74 21.96 -22.52
C ARG B 350 -19.99 22.39 -23.96
N ARG B 351 -18.91 22.48 -24.75
CA ARG B 351 -19.08 22.79 -26.17
C ARG B 351 -19.54 21.57 -26.96
N PHE B 352 -19.10 20.37 -26.57
CA PHE B 352 -19.55 19.16 -27.24
C PHE B 352 -21.05 18.99 -27.08
N CYS B 353 -21.58 19.27 -25.90
CA CYS B 353 -23.01 19.13 -25.64
C CYS B 353 -23.59 20.49 -25.26
N GLU B 354 -23.54 21.44 -26.19
CA GLU B 354 -24.07 22.77 -25.91
C GLU B 354 -25.58 22.74 -25.73
N HIS B 355 -26.28 21.78 -26.35
CA HIS B 355 -27.72 21.68 -26.20
C HIS B 355 -28.14 21.20 -24.82
N LEU B 356 -27.19 20.83 -23.95
CA LEU B 356 -27.51 20.38 -22.60
C LEU B 356 -26.93 21.36 -21.57
N THR B 357 -27.67 21.57 -20.50
CA THR B 357 -27.19 22.38 -19.39
C THR B 357 -26.28 21.55 -18.48
N GLN B 358 -25.58 22.23 -17.58
CA GLN B 358 -24.67 21.53 -16.68
C GLN B 358 -25.43 20.73 -15.63
N ASP B 359 -26.65 21.13 -15.29
CA ASP B 359 -27.49 20.32 -14.42
C ASP B 359 -27.89 19.00 -15.07
N GLU B 360 -27.65 18.83 -16.36
CA GLU B 360 -28.01 17.64 -17.10
C GLU B 360 -26.82 16.72 -17.30
N PHE B 361 -25.68 17.04 -16.67
CA PHE B 361 -24.45 16.27 -16.67
C PHE B 361 -24.02 15.91 -18.09
N PRO B 362 -23.62 16.89 -18.90
CA PRO B 362 -23.21 16.55 -20.28
C PRO B 362 -21.96 15.69 -20.34
N ALA B 363 -20.96 15.97 -19.50
CA ALA B 363 -19.74 15.16 -19.50
C ALA B 363 -20.03 13.72 -19.12
N GLN B 364 -20.88 13.51 -18.11
CA GLN B 364 -21.25 12.15 -17.72
C GLN B 364 -22.02 11.46 -18.83
N SER B 365 -22.93 12.19 -19.49
CA SER B 365 -23.68 11.60 -20.59
C SER B 365 -22.81 11.39 -21.82
N LEU B 366 -21.82 12.25 -22.05
CA LEU B 366 -20.91 12.05 -23.17
C LEU B 366 -20.04 10.82 -22.97
N ALA B 367 -19.58 10.59 -21.73
CA ALA B 367 -18.76 9.42 -21.44
C ALA B 367 -19.55 8.13 -21.64
N ALA B 368 -20.83 8.13 -21.23
CA ALA B 368 -21.64 6.94 -21.42
C ALA B 368 -21.84 6.63 -22.90
N SER B 369 -22.12 7.66 -23.72
CA SER B 369 -22.28 7.43 -25.15
C SER B 369 -20.99 6.98 -25.80
N ILE B 370 -19.84 7.48 -25.32
CA ILE B 370 -18.56 7.08 -25.90
C ILE B 370 -18.33 5.59 -25.73
N TYR B 371 -18.68 5.04 -24.56
CA TYR B 371 -18.52 3.61 -24.36
C TYR B 371 -19.47 2.81 -25.24
N VAL B 372 -20.73 3.23 -25.34
CA VAL B 372 -21.72 2.46 -26.10
C VAL B 372 -21.33 2.39 -27.57
N GLU B 373 -20.75 3.47 -28.11
CA GLU B 373 -20.45 3.51 -29.53
C GLU B 373 -19.11 2.84 -29.86
N THR B 374 -18.19 2.78 -28.92
CA THR B 374 -16.84 2.27 -29.21
C THR B 374 -16.31 1.24 -28.24
N GLY B 375 -16.91 1.07 -27.06
CA GLY B 375 -16.29 0.25 -26.04
C GLY B 375 -15.11 0.90 -25.37
N VAL B 376 -15.04 2.22 -25.39
CA VAL B 376 -13.96 2.97 -24.78
C VAL B 376 -14.49 3.59 -23.49
N ARG B 377 -13.83 3.32 -22.37
CA ARG B 377 -14.18 3.94 -21.10
C ARG B 377 -13.31 5.16 -20.86
N SER B 378 -13.95 6.27 -20.51
CA SER B 378 -13.28 7.51 -20.16
C SER B 378 -13.81 7.99 -18.82
N MET B 379 -13.16 9.01 -18.27
CA MET B 379 -13.49 9.52 -16.94
C MET B 379 -14.21 10.86 -17.05
N GLU B 380 -15.35 10.98 -16.39
CA GLU B 380 -16.02 12.25 -16.26
C GLU B 380 -15.22 13.16 -15.34
N ARG B 381 -14.90 14.36 -15.83
N ARG B 381 -14.90 14.36 -15.82
CA ARG B 381 -14.13 15.35 -15.07
CA ARG B 381 -14.14 15.33 -15.04
C ARG B 381 -14.85 16.70 -15.13
C ARG B 381 -14.84 16.69 -15.11
N GLY B 382 -16.04 16.74 -14.55
CA GLY B 382 -16.82 17.96 -14.55
C GLY B 382 -17.64 18.14 -13.27
N ILE B 383 -18.95 18.37 -13.43
CA ILE B 383 -19.79 18.72 -12.29
C ILE B 383 -19.95 17.54 -11.35
N ILE B 384 -20.04 16.32 -11.89
CA ILE B 384 -20.23 15.14 -11.04
C ILE B 384 -19.01 14.90 -10.17
N SER B 385 -17.81 14.98 -10.76
CA SER B 385 -16.58 14.83 -10.00
C SER B 385 -16.39 15.96 -8.99
N ALA B 386 -16.94 17.14 -9.27
CA ALA B 386 -16.76 18.26 -8.37
C ALA B 386 -17.51 18.07 -7.06
N GLY B 387 -18.64 17.37 -7.08
CA GLY B 387 -19.36 17.08 -5.87
C GLY B 387 -20.30 18.21 -5.46
N ARG B 388 -20.78 18.11 -4.22
CA ARG B 388 -21.70 19.07 -3.64
C ARG B 388 -21.00 19.88 -2.55
N ASN B 389 -21.53 21.08 -2.32
CA ASN B 389 -21.08 21.90 -1.22
C ASN B 389 -21.52 21.29 0.11
N ASN B 390 -20.68 21.46 1.12
CA ASN B 390 -20.93 20.78 2.40
C ASN B 390 -22.14 21.34 3.13
N VAL B 391 -22.30 22.67 3.14
CA VAL B 391 -23.35 23.30 3.95
C VAL B 391 -24.61 23.51 3.12
N THR B 392 -24.49 24.25 2.02
CA THR B 392 -25.68 24.63 1.25
C THR B 392 -26.26 23.44 0.49
N GLY B 393 -25.43 22.46 0.16
CA GLY B 393 -25.85 21.27 -0.57
C GLY B 393 -26.31 21.48 -1.99
N GLU B 394 -25.52 22.23 -2.77
CA GLU B 394 -25.77 22.48 -4.18
C GLU B 394 -24.58 21.90 -4.95
N HIS B 395 -24.62 22.02 -6.27
CA HIS B 395 -23.54 21.45 -7.08
C HIS B 395 -22.35 22.39 -7.11
N HIS B 396 -21.16 21.83 -6.89
CA HIS B 396 -19.92 22.56 -7.12
C HIS B 396 -19.75 22.71 -8.62
N ARG B 397 -19.93 23.92 -9.14
CA ARG B 397 -20.03 24.08 -10.58
C ARG B 397 -18.67 24.54 -11.10
N PRO B 398 -17.94 23.71 -11.84
CA PRO B 398 -16.63 24.12 -12.33
C PRO B 398 -16.68 24.69 -13.74
N LYS B 399 -15.66 25.48 -14.05
CA LYS B 399 -15.53 26.05 -15.39
C LYS B 399 -15.30 24.96 -16.42
N LEU B 400 -14.67 23.85 -16.02
CA LEU B 400 -14.29 22.78 -16.92
C LEU B 400 -15.29 21.63 -16.77
N GLU B 401 -16.11 21.44 -17.79
CA GLU B 401 -16.98 20.27 -17.91
C GLU B 401 -16.36 19.41 -19.01
N THR B 402 -15.50 18.48 -18.60
CA THR B 402 -14.65 17.76 -19.55
C THR B 402 -14.80 16.26 -19.36
N VAL B 403 -14.38 15.53 -20.41
CA VAL B 403 -14.26 14.09 -20.40
C VAL B 403 -12.81 13.75 -20.65
N ARG B 404 -12.19 13.03 -19.71
CA ARG B 404 -10.75 12.77 -19.77
C ARG B 404 -10.49 11.44 -20.46
N LEU B 405 -9.68 11.48 -21.52
CA LEU B 405 -9.22 10.29 -22.21
C LEU B 405 -7.76 10.06 -21.79
N THR B 406 -7.56 9.28 -20.74
CA THR B 406 -6.24 9.08 -20.15
C THR B 406 -5.60 7.84 -20.76
N ILE B 407 -4.38 7.99 -21.26
CA ILE B 407 -3.72 6.96 -22.04
C ILE B 407 -2.73 6.22 -21.14
N PRO B 408 -2.96 4.94 -20.86
CA PRO B 408 -1.91 4.14 -20.19
C PRO B 408 -0.69 4.02 -21.09
N ARG B 409 0.46 3.79 -20.46
CA ARG B 409 1.72 3.75 -21.19
C ARG B 409 1.98 2.37 -21.77
N ARG B 410 2.27 2.33 -23.07
CA ARG B 410 2.68 1.14 -23.81
C ARG B 410 1.59 0.07 -23.85
N VAL B 411 0.32 0.47 -23.73
CA VAL B 411 -0.78 -0.48 -23.70
C VAL B 411 -1.54 -0.50 -25.02
N TYR B 412 -1.70 0.65 -25.66
CA TYR B 412 -2.51 0.78 -26.86
C TYR B 412 -1.66 1.29 -28.03
N THR B 413 -2.22 1.14 -29.22
CA THR B 413 -1.57 1.50 -30.48
C THR B 413 -2.28 2.69 -31.11
N TYR B 414 -1.71 3.17 -32.23
CA TYR B 414 -2.37 4.23 -32.98
C TYR B 414 -3.72 3.79 -33.52
N ALA B 415 -3.86 2.51 -33.86
CA ALA B 415 -5.15 2.01 -34.33
C ALA B 415 -6.20 2.09 -33.23
N HIS B 416 -5.80 1.86 -31.98
CA HIS B 416 -6.71 2.05 -30.86
C HIS B 416 -7.10 3.51 -30.71
N MET B 417 -6.15 4.42 -30.91
CA MET B 417 -6.47 5.85 -30.88
C MET B 417 -7.45 6.21 -31.99
N ASP B 418 -7.32 5.57 -33.16
CA ASP B 418 -8.26 5.82 -34.24
C ASP B 418 -9.67 5.33 -33.87
N VAL B 419 -9.76 4.23 -33.14
CA VAL B 419 -11.07 3.77 -32.65
C VAL B 419 -11.69 4.82 -31.73
N VAL B 420 -10.87 5.41 -30.86
CA VAL B 420 -11.37 6.45 -29.97
C VAL B 420 -11.79 7.68 -30.76
N ALA B 421 -10.92 8.14 -31.67
CA ALA B 421 -11.21 9.34 -32.43
C ALA B 421 -12.41 9.16 -33.35
N ASP B 422 -12.41 8.09 -34.15
CA ASP B 422 -13.49 7.90 -35.13
C ASP B 422 -14.85 7.81 -34.46
N GLY B 423 -14.93 7.17 -33.29
CA GLY B 423 -16.20 7.08 -32.60
C GLY B 423 -16.67 8.41 -32.04
N ILE B 424 -15.75 9.18 -31.45
CA ILE B 424 -16.09 10.50 -30.94
C ILE B 424 -16.44 11.44 -32.09
N ILE B 425 -15.72 11.34 -33.21
CA ILE B 425 -16.00 12.18 -34.37
C ILE B 425 -17.38 11.86 -34.95
N LYS B 426 -17.71 10.57 -35.07
CA LYS B 426 -19.05 10.20 -35.52
C LYS B 426 -20.11 10.67 -34.53
N LEU B 427 -19.83 10.51 -33.23
CA LEU B 427 -20.77 10.98 -32.21
C LEU B 427 -20.91 12.49 -32.24
N TYR B 428 -19.83 13.22 -32.57
CA TYR B 428 -19.90 14.66 -32.64
C TYR B 428 -20.71 15.14 -33.84
N GLN B 429 -20.71 14.37 -34.93
CA GLN B 429 -21.42 14.79 -36.13
C GLN B 429 -22.94 14.82 -35.92
N HIS B 430 -23.45 14.01 -35.00
CA HIS B 430 -24.84 14.07 -34.58
C HIS B 430 -24.95 14.28 -33.07
N LYS B 431 -24.10 15.16 -32.55
CA LYS B 431 -24.02 15.40 -31.11
C LYS B 431 -25.36 15.85 -30.51
N GLU B 432 -26.27 16.39 -31.32
CA GLU B 432 -27.55 16.85 -30.81
C GLU B 432 -28.37 15.70 -30.23
N ASP B 433 -28.13 14.46 -30.66
CA ASP B 433 -28.89 13.32 -30.17
C ASP B 433 -28.51 12.94 -28.74
N ILE B 434 -27.36 13.38 -28.25
CA ILE B 434 -26.91 13.00 -26.92
C ILE B 434 -27.89 13.55 -25.89
N ARG B 435 -28.46 12.67 -25.07
CA ARG B 435 -29.45 13.05 -24.09
C ARG B 435 -28.79 13.37 -22.76
N GLY B 436 -29.52 14.13 -21.94
CA GLY B 436 -29.05 14.44 -20.60
C GLY B 436 -29.34 13.32 -19.62
N LEU B 437 -28.75 13.43 -18.44
CA LEU B 437 -28.91 12.43 -17.39
C LEU B 437 -29.47 13.06 -16.13
N LYS B 438 -30.15 12.25 -15.34
CA LYS B 438 -30.73 12.66 -14.07
C LYS B 438 -30.38 11.62 -13.02
N PHE B 439 -30.14 12.08 -11.80
CA PHE B 439 -29.76 11.19 -10.72
C PHE B 439 -30.89 10.21 -10.42
N ILE B 440 -30.54 8.94 -10.23
CA ILE B 440 -31.44 7.97 -9.63
C ILE B 440 -30.87 7.37 -8.35
N TYR B 441 -29.57 7.52 -8.11
CA TYR B 441 -28.94 7.15 -6.85
C TYR B 441 -27.73 8.05 -6.70
N GLU B 442 -27.58 8.64 -5.52
CA GLU B 442 -26.45 9.53 -5.29
C GLU B 442 -25.94 9.32 -3.88
N PRO B 443 -24.67 8.97 -3.72
CA PRO B 443 -24.11 8.75 -2.37
C PRO B 443 -23.94 10.04 -1.59
N LYS B 444 -23.27 9.94 -0.43
CA LYS B 444 -23.08 11.08 0.45
C LYS B 444 -21.75 11.79 0.19
N GLN B 445 -20.72 11.05 -0.21
CA GLN B 445 -19.43 11.65 -0.56
C GLN B 445 -18.81 10.82 -1.67
N LEU B 446 -17.95 11.49 -2.44
CA LEU B 446 -17.37 10.93 -3.66
C LEU B 446 -18.47 10.27 -4.49
N ARG B 447 -19.08 11.04 -5.38
CA ARG B 447 -20.25 10.56 -6.10
C ARG B 447 -19.92 10.08 -7.51
N ALA B 448 -18.77 10.45 -8.05
CA ALA B 448 -18.40 9.98 -9.38
C ALA B 448 -18.25 8.46 -9.42
N PHE B 449 -17.87 7.84 -8.30
CA PHE B 449 -17.56 6.41 -8.32
C PHE B 449 -18.82 5.53 -8.31
N THR B 450 -19.83 5.91 -7.52
CA THR B 450 -20.95 5.01 -7.25
C THR B 450 -22.31 5.52 -7.70
N ALA B 451 -22.43 6.77 -8.12
CA ALA B 451 -23.74 7.31 -8.48
C ALA B 451 -24.29 6.63 -9.73
N ARG B 452 -25.61 6.59 -9.82
CA ARG B 452 -26.30 6.02 -10.97
C ARG B 452 -27.24 7.05 -11.58
N PHE B 453 -27.48 6.93 -12.88
CA PHE B 453 -28.22 7.94 -13.62
C PHE B 453 -29.21 7.26 -14.55
N ASP B 454 -30.07 8.07 -15.16
CA ASP B 454 -30.99 7.62 -16.19
C ASP B 454 -31.25 8.79 -17.13
N TYR B 455 -31.61 8.46 -18.37
CA TYR B 455 -31.83 9.48 -19.39
C TYR B 455 -33.04 10.35 -19.05
N ILE B 456 -32.97 11.61 -19.49
CA ILE B 456 -34.09 12.53 -19.34
C ILE B 456 -34.86 12.62 -20.66
#